data_4FQD
#
_entry.id   4FQD
#
_cell.length_a   96.210
_cell.length_b   120.050
_cell.length_c   153.210
_cell.angle_alpha   90.00
_cell.angle_beta   90.00
_cell.angle_gamma   90.00
#
_symmetry.space_group_name_H-M   'C 2 2 21'
#
loop_
_entity.id
_entity.type
_entity.pdbx_description
1 polymer 'NikO protein'
2 non-polymer 'SULFATE ION'
3 water water
#
_entity_poly.entity_id   1
_entity_poly.type   'polypeptide(L)'
_entity_poly.pdbx_seq_one_letter_code
;MQDRWREPAPPGEPLLEIHGGNRLSGAVRTSGFKHSLVTTVAAAATASAPVRIENCPDIVETAVLGEIFRAAGAHAHYDG
ADETFTVDASAWDRAELPADLVGRIHGSLYLLPALVSRNGVARLSASGGCPIGEGPRGRPDEHLLDVMGRFGVTTRLTAD
GSVDLTAQRLTPCTIDMLDYTRNKALMSGPCYSGAVKTALLMGAVTHGTTTLQHPYLKPDVTDMVTVLRDLGADIEFAGP
ETWVIHGRGPESLHRPVDVTLIPDLIEVVTWICAGVLLADEPLRITGPGIDRAVHALAPEFDLLDRMGVRVDVGADEVTA
HPLTKPLRPVEFTAMSRGVFSDSQPFLALLGAYAEGPTYIREAVWEHRFGFAPELEALGIRTAVDDTVLRVDGPCPPHRP
GTDLRATDLRAAAVLLLAALAVPGRTTLRNHHHLARGYRDLVEDLVKLGADIRHTTAPDVRPKPPAGAGVDPAHHHHHH
;
_entity_poly.pdbx_strand_id   A,B
#
loop_
_chem_comp.id
_chem_comp.type
_chem_comp.name
_chem_comp.formula
SO4 non-polymer 'SULFATE ION' 'O4 S -2'
#
# COMPACT_ATOMS: atom_id res chain seq x y z
N PRO A 11 4.28 -19.88 -35.32
CA PRO A 11 5.61 -19.82 -35.95
C PRO A 11 6.42 -21.09 -35.71
N GLY A 12 5.74 -22.24 -35.62
CA GLY A 12 6.41 -23.51 -35.40
C GLY A 12 6.93 -23.62 -33.99
N GLU A 13 6.23 -23.00 -33.06
CA GLU A 13 6.72 -22.83 -31.70
C GLU A 13 5.79 -23.53 -30.70
N PRO A 14 6.36 -24.23 -29.70
CA PRO A 14 5.58 -25.05 -28.76
C PRO A 14 4.49 -24.29 -27.99
N LEU A 15 3.30 -24.87 -27.95
CA LEU A 15 2.17 -24.26 -27.25
C LEU A 15 1.66 -25.16 -26.13
N LEU A 16 0.88 -24.56 -25.23
CA LEU A 16 0.09 -25.33 -24.28
C LEU A 16 -1.37 -25.20 -24.67
N GLU A 17 -2.03 -26.33 -24.92
CA GLU A 17 -3.44 -26.31 -25.29
C GLU A 17 -4.28 -26.63 -24.06
N ILE A 18 -4.95 -25.60 -23.53
CA ILE A 18 -5.70 -25.74 -22.28
C ILE A 18 -7.21 -25.86 -22.50
N HIS A 19 -7.80 -26.90 -21.92
CA HIS A 19 -9.24 -27.06 -21.90
C HIS A 19 -9.75 -26.99 -20.47
N GLY A 20 -10.07 -25.78 -20.02
CA GLY A 20 -10.51 -25.56 -18.66
C GLY A 20 -11.96 -25.90 -18.44
N GLY A 21 -12.42 -25.74 -17.19
CA GLY A 21 -13.79 -26.05 -16.85
C GLY A 21 -13.89 -27.32 -16.02
N ASN A 22 -12.76 -28.01 -15.87
CA ASN A 22 -12.71 -29.23 -15.10
C ASN A 22 -12.23 -28.98 -13.67
N ARG A 23 -12.86 -29.64 -12.72
CA ARG A 23 -12.50 -29.50 -11.31
C ARG A 23 -11.30 -30.38 -10.94
N LEU A 24 -10.35 -29.79 -10.24
CA LEU A 24 -9.14 -30.52 -9.84
C LEU A 24 -9.35 -31.19 -8.48
N SER A 25 -8.70 -32.32 -8.29
CA SER A 25 -8.77 -33.04 -7.02
C SER A 25 -7.55 -33.94 -6.83
N GLY A 26 -7.21 -34.19 -5.58
CA GLY A 26 -6.06 -35.03 -5.25
C GLY A 26 -5.13 -34.36 -4.27
N ALA A 27 -3.87 -34.79 -4.27
CA ALA A 27 -2.86 -34.23 -3.38
C ALA A 27 -1.64 -33.77 -4.18
N VAL A 28 -0.99 -32.72 -3.69
CA VAL A 28 0.23 -32.22 -4.32
C VAL A 28 1.37 -32.15 -3.31
N ARG A 29 2.57 -32.50 -3.75
CA ARG A 29 3.75 -32.36 -2.90
C ARG A 29 4.65 -31.26 -3.43
N THR A 30 5.09 -30.39 -2.53
CA THR A 30 5.92 -29.25 -2.92
C THR A 30 7.39 -29.64 -3.01
N SER A 31 8.14 -28.84 -3.76
CA SER A 31 9.59 -29.00 -3.83
C SER A 31 10.25 -27.93 -2.97
N GLY A 32 11.55 -28.08 -2.74
CA GLY A 32 12.29 -27.15 -1.91
C GLY A 32 12.38 -25.76 -2.50
N PHE A 33 12.63 -24.78 -1.65
CA PHE A 33 12.72 -23.38 -2.07
C PHE A 33 13.89 -23.18 -3.03
N LYS A 34 13.56 -22.71 -4.23
CA LYS A 34 14.55 -22.41 -5.26
C LYS A 34 15.60 -21.42 -4.79
N HIS A 35 15.15 -20.39 -4.10
CA HIS A 35 16.06 -19.32 -3.67
C HIS A 35 16.94 -19.74 -2.49
N SER A 36 16.42 -20.62 -1.64
CA SER A 36 17.21 -21.16 -0.54
C SER A 36 18.26 -22.13 -1.07
N LEU A 37 17.90 -22.83 -2.14
CA LEU A 37 18.83 -23.73 -2.81
C LEU A 37 20.05 -22.97 -3.33
N VAL A 38 19.79 -21.82 -3.94
CA VAL A 38 20.86 -20.97 -4.46
C VAL A 38 21.80 -20.51 -3.36
N THR A 39 21.24 -19.99 -2.28
CA THR A 39 22.04 -19.46 -1.17
C THR A 39 22.78 -20.55 -0.40
N THR A 40 22.18 -21.74 -0.32
CA THR A 40 22.82 -22.86 0.35
C THR A 40 24.01 -23.36 -0.46
N VAL A 41 23.82 -23.44 -1.78
CA VAL A 41 24.89 -23.83 -2.69
C VAL A 41 25.98 -22.78 -2.72
N ALA A 42 25.57 -21.51 -2.69
CA ALA A 42 26.50 -20.39 -2.69
C ALA A 42 27.39 -20.43 -1.46
N ALA A 43 26.79 -20.77 -0.32
CA ALA A 43 27.54 -20.89 0.93
C ALA A 43 28.45 -22.11 0.88
N ALA A 44 28.00 -23.15 0.20
CA ALA A 44 28.78 -24.38 0.06
C ALA A 44 30.00 -24.17 -0.83
N ALA A 45 29.88 -23.26 -1.78
CA ALA A 45 30.95 -22.98 -2.73
C ALA A 45 32.16 -22.34 -2.06
N THR A 46 31.94 -21.76 -0.88
CA THR A 46 33.00 -21.11 -0.13
C THR A 46 33.71 -22.08 0.80
N ALA A 47 33.09 -23.24 1.02
CA ALA A 47 33.56 -24.16 2.04
C ALA A 47 34.46 -25.28 1.49
N SER A 48 35.02 -26.06 2.40
CA SER A 48 35.84 -27.21 2.04
C SER A 48 35.22 -28.47 2.62
N ALA A 49 33.90 -28.47 2.72
CA ALA A 49 33.17 -29.59 3.31
C ALA A 49 31.95 -29.95 2.45
N PRO A 50 31.58 -31.24 2.44
CA PRO A 50 30.40 -31.68 1.69
C PRO A 50 29.11 -31.16 2.32
N VAL A 51 28.19 -30.71 1.47
CA VAL A 51 26.89 -30.22 1.94
C VAL A 51 25.76 -31.03 1.33
N ARG A 52 25.05 -31.77 2.17
CA ARG A 52 23.92 -32.58 1.71
C ARG A 52 22.62 -31.81 1.80
N ILE A 53 22.01 -31.57 0.64
CA ILE A 53 20.79 -30.78 0.57
C ILE A 53 19.57 -31.65 0.29
N GLU A 54 18.77 -31.91 1.31
CA GLU A 54 17.55 -32.69 1.16
C GLU A 54 16.39 -31.80 0.72
N ASN A 55 15.34 -32.43 0.22
CA ASN A 55 14.19 -31.71 -0.33
C ASN A 55 14.64 -30.71 -1.39
N CYS A 56 15.54 -31.14 -2.27
CA CYS A 56 16.05 -30.28 -3.32
C CYS A 56 15.18 -30.36 -4.56
N PRO A 57 14.73 -29.21 -5.07
CA PRO A 57 13.85 -29.15 -6.24
C PRO A 57 14.57 -29.58 -7.51
N ASP A 58 13.88 -30.32 -8.36
CA ASP A 58 14.43 -30.76 -9.64
C ASP A 58 14.11 -29.72 -10.72
N ILE A 59 14.84 -28.61 -10.69
CA ILE A 59 14.62 -27.53 -11.64
C ILE A 59 15.90 -27.18 -12.39
N VAL A 60 15.84 -26.11 -13.18
CA VAL A 60 16.97 -25.69 -14.01
C VAL A 60 18.18 -25.31 -13.15
N GLU A 61 17.93 -24.56 -12.08
CA GLU A 61 18.98 -24.10 -11.18
C GLU A 61 19.82 -25.24 -10.64
N THR A 62 19.16 -26.32 -10.22
CA THR A 62 19.84 -27.48 -9.66
C THR A 62 20.80 -28.11 -10.67
N ALA A 63 20.34 -28.25 -11.91
CA ALA A 63 21.14 -28.87 -12.96
C ALA A 63 22.36 -28.02 -13.31
N VAL A 64 22.15 -26.72 -13.50
CA VAL A 64 23.22 -25.82 -13.88
C VAL A 64 24.26 -25.66 -12.77
N LEU A 65 23.80 -25.45 -11.55
CA LEU A 65 24.69 -25.35 -10.40
C LEU A 65 25.53 -26.60 -10.24
N GLY A 66 24.92 -27.76 -10.49
CA GLY A 66 25.61 -29.03 -10.43
C GLY A 66 26.69 -29.12 -11.49
N GLU A 67 26.38 -28.62 -12.69
CA GLU A 67 27.33 -28.64 -13.79
C GLU A 67 28.47 -27.65 -13.54
N ILE A 68 28.14 -26.49 -12.97
CA ILE A 68 29.13 -25.48 -12.64
C ILE A 68 30.17 -26.02 -11.66
N PHE A 69 29.70 -26.74 -10.65
CA PHE A 69 30.59 -27.35 -9.65
C PHE A 69 31.56 -28.33 -10.28
N ARG A 70 31.04 -29.27 -11.06
CA ARG A 70 31.88 -30.28 -11.70
C ARG A 70 32.82 -29.68 -12.74
N ALA A 71 32.39 -28.60 -13.38
CA ALA A 71 33.21 -27.93 -14.39
C ALA A 71 34.41 -27.23 -13.75
N ALA A 72 34.29 -26.91 -12.46
CA ALA A 72 35.36 -26.24 -11.73
C ALA A 72 36.21 -27.24 -10.96
N GLY A 73 36.01 -28.52 -11.22
CA GLY A 73 36.77 -29.56 -10.57
C GLY A 73 36.19 -30.00 -9.24
N ALA A 74 35.09 -29.36 -8.84
CA ALA A 74 34.43 -29.67 -7.57
C ALA A 74 33.47 -30.84 -7.73
N HIS A 75 32.72 -31.13 -6.67
CA HIS A 75 31.79 -32.26 -6.66
C HIS A 75 30.34 -31.81 -6.60
N ALA A 76 29.49 -32.50 -7.35
CA ALA A 76 28.04 -32.24 -7.34
C ALA A 76 27.27 -33.42 -7.93
N HIS A 77 26.31 -33.93 -7.15
CA HIS A 77 25.49 -35.05 -7.61
C HIS A 77 24.06 -34.93 -7.10
N TYR A 78 23.11 -34.92 -8.04
CA TYR A 78 21.70 -34.84 -7.68
C TYR A 78 21.02 -36.21 -7.80
N ASP A 79 20.48 -36.68 -6.69
CA ASP A 79 19.76 -37.95 -6.66
C ASP A 79 18.26 -37.67 -6.74
N GLY A 80 17.71 -37.71 -7.94
CA GLY A 80 16.32 -37.39 -8.18
C GLY A 80 15.32 -38.31 -7.48
N ALA A 81 15.80 -39.49 -7.09
CA ALA A 81 14.95 -40.47 -6.41
C ALA A 81 14.49 -39.97 -5.05
N ASP A 82 15.43 -39.50 -4.23
CA ASP A 82 15.08 -38.95 -2.93
C ASP A 82 15.28 -37.43 -2.88
N GLU A 83 15.45 -36.84 -4.07
CA GLU A 83 15.58 -35.39 -4.21
C GLU A 83 16.67 -34.81 -3.32
N THR A 84 17.88 -35.38 -3.43
CA THR A 84 18.99 -34.96 -2.59
C THR A 84 20.15 -34.43 -3.42
N PHE A 85 20.58 -33.21 -3.11
CA PHE A 85 21.69 -32.58 -3.81
C PHE A 85 22.92 -32.54 -2.92
N THR A 86 23.98 -33.24 -3.32
CA THR A 86 25.21 -33.26 -2.56
C THR A 86 26.34 -32.56 -3.30
N VAL A 87 26.86 -31.48 -2.71
CA VAL A 87 27.95 -30.73 -3.32
C VAL A 87 29.16 -30.67 -2.39
N ASP A 88 30.33 -30.42 -2.98
CA ASP A 88 31.57 -30.29 -2.22
C ASP A 88 32.57 -29.44 -2.99
N ALA A 89 32.91 -28.29 -2.43
CA ALA A 89 33.80 -27.35 -3.10
C ALA A 89 35.24 -27.47 -2.63
N SER A 90 35.58 -28.63 -2.07
CA SER A 90 36.93 -28.86 -1.55
C SER A 90 37.99 -28.78 -2.65
N ALA A 91 37.74 -29.48 -3.76
CA ALA A 91 38.71 -29.56 -4.84
C ALA A 91 38.46 -28.51 -5.91
N TRP A 92 37.78 -27.44 -5.54
CA TRP A 92 37.50 -26.33 -6.46
C TRP A 92 38.81 -25.65 -6.84
N ASP A 93 39.20 -25.77 -8.11
CA ASP A 93 40.46 -25.17 -8.57
C ASP A 93 40.23 -23.80 -9.20
N ARG A 94 41.23 -23.33 -9.96
CA ARG A 94 41.14 -22.02 -10.59
C ARG A 94 41.34 -22.07 -12.09
N ALA A 95 40.31 -21.66 -12.83
CA ALA A 95 40.33 -21.61 -14.28
C ALA A 95 39.17 -20.77 -14.78
N GLU A 96 38.97 -20.77 -16.10
CA GLU A 96 37.85 -20.05 -16.69
C GLU A 96 36.55 -20.81 -16.46
N LEU A 97 35.54 -20.12 -15.96
CA LEU A 97 34.21 -20.72 -15.84
C LEU A 97 33.42 -20.42 -17.11
N PRO A 98 32.96 -21.49 -17.80
CA PRO A 98 32.21 -21.42 -19.05
C PRO A 98 31.09 -20.39 -19.00
N ALA A 99 31.25 -19.31 -19.76
CA ALA A 99 30.36 -18.15 -19.70
C ALA A 99 28.90 -18.49 -19.99
N ASP A 100 28.67 -19.23 -21.07
CA ASP A 100 27.32 -19.59 -21.47
C ASP A 100 26.65 -20.43 -20.39
N LEU A 101 27.43 -21.29 -19.75
CA LEU A 101 26.94 -22.14 -18.69
C LEU A 101 26.53 -21.32 -17.47
N VAL A 102 27.40 -20.41 -17.06
CA VAL A 102 27.13 -19.54 -15.91
C VAL A 102 25.93 -18.63 -16.13
N GLY A 103 25.81 -18.08 -17.33
CA GLY A 103 24.75 -17.16 -17.66
C GLY A 103 23.38 -17.81 -17.81
N ARG A 104 23.34 -19.13 -17.71
CA ARG A 104 22.08 -19.87 -17.83
C ARG A 104 21.14 -19.59 -16.65
N ILE A 105 21.73 -19.32 -15.49
CA ILE A 105 20.93 -19.05 -14.29
C ILE A 105 21.34 -17.75 -13.59
N HIS A 106 20.46 -17.27 -12.73
CA HIS A 106 20.71 -16.05 -11.97
C HIS A 106 21.49 -16.36 -10.69
N GLY A 107 21.33 -17.59 -10.20
CA GLY A 107 21.95 -17.99 -8.94
C GLY A 107 23.47 -18.07 -8.97
N SER A 108 24.04 -18.06 -10.18
CA SER A 108 25.48 -18.14 -10.34
C SER A 108 26.16 -16.87 -9.85
N LEU A 109 25.39 -15.79 -9.75
CA LEU A 109 25.91 -14.50 -9.30
C LEU A 109 26.43 -14.55 -7.87
N TYR A 110 25.85 -15.44 -7.06
CA TYR A 110 26.22 -15.53 -5.66
C TYR A 110 27.37 -16.52 -5.44
N LEU A 111 28.01 -16.92 -6.54
CA LEU A 111 29.20 -17.76 -6.47
C LEU A 111 30.43 -16.86 -6.46
N LEU A 112 30.23 -15.60 -6.81
CA LEU A 112 31.32 -14.61 -6.86
C LEU A 112 32.12 -14.45 -5.55
N PRO A 113 31.44 -14.42 -4.38
CA PRO A 113 32.23 -14.35 -3.14
C PRO A 113 33.15 -15.56 -2.97
N ALA A 114 32.70 -16.73 -3.40
CA ALA A 114 33.52 -17.93 -3.31
C ALA A 114 34.71 -17.87 -4.27
N LEU A 115 34.45 -17.39 -5.48
CA LEU A 115 35.48 -17.31 -6.51
C LEU A 115 36.56 -16.29 -6.15
N VAL A 116 36.14 -15.11 -5.75
CA VAL A 116 37.08 -14.02 -5.48
C VAL A 116 37.90 -14.28 -4.22
N SER A 117 37.38 -15.13 -3.33
CA SER A 117 38.05 -15.42 -2.07
C SER A 117 38.98 -16.61 -2.20
N ARG A 118 38.70 -17.46 -3.18
CA ARG A 118 39.48 -18.68 -3.37
C ARG A 118 40.60 -18.49 -4.37
N ASN A 119 40.35 -17.69 -5.39
CA ASN A 119 41.32 -17.50 -6.48
C ASN A 119 41.89 -16.09 -6.54
N GLY A 120 41.23 -15.15 -5.85
CA GLY A 120 41.65 -13.77 -5.87
C GLY A 120 41.10 -13.03 -7.08
N VAL A 121 40.66 -13.78 -8.07
CA VAL A 121 40.10 -13.21 -9.28
C VAL A 121 38.80 -13.90 -9.67
N ALA A 122 37.95 -13.17 -10.39
CA ALA A 122 36.67 -13.71 -10.86
C ALA A 122 36.14 -12.85 -12.01
N ARG A 123 35.65 -13.51 -13.05
CA ARG A 123 35.09 -12.80 -14.20
C ARG A 123 33.57 -12.86 -14.19
N LEU A 124 32.94 -11.69 -14.30
CA LEU A 124 31.49 -11.62 -14.33
C LEU A 124 30.99 -11.43 -15.77
N SER A 125 30.70 -12.54 -16.44
CA SER A 125 30.28 -12.52 -17.83
C SER A 125 28.94 -11.82 -18.01
N ALA A 126 28.74 -11.26 -19.20
CA ALA A 126 27.50 -10.56 -19.53
C ALA A 126 26.70 -11.31 -20.59
N ARG A 139 18.79 -9.53 -14.95
CA ARG A 139 18.73 -8.68 -13.77
C ARG A 139 20.08 -8.05 -13.42
N PRO A 140 20.05 -6.80 -12.93
CA PRO A 140 21.24 -6.01 -12.60
C PRO A 140 22.14 -6.68 -11.57
N ASP A 141 23.42 -6.31 -11.54
CA ASP A 141 24.38 -6.88 -10.59
C ASP A 141 25.31 -5.81 -10.05
N GLU A 142 24.97 -4.57 -10.37
CA GLU A 142 25.79 -3.42 -9.99
C GLU A 142 25.85 -3.26 -8.47
N HIS A 143 24.74 -3.56 -7.79
CA HIS A 143 24.71 -3.52 -6.33
C HIS A 143 25.57 -4.60 -5.69
N LEU A 144 25.68 -5.74 -6.36
CA LEU A 144 26.54 -6.83 -5.91
C LEU A 144 28.00 -6.40 -5.91
N LEU A 145 28.40 -5.68 -6.95
CA LEU A 145 29.78 -5.22 -7.09
C LEU A 145 30.11 -4.15 -6.05
N ASP A 146 29.11 -3.36 -5.68
CA ASP A 146 29.30 -2.31 -4.68
C ASP A 146 29.50 -2.91 -3.30
N VAL A 147 28.80 -3.99 -3.02
CA VAL A 147 28.93 -4.69 -1.74
C VAL A 147 30.32 -5.31 -1.60
N MET A 148 30.72 -6.08 -2.61
CA MET A 148 32.03 -6.70 -2.62
C MET A 148 33.14 -5.65 -2.64
N GLY A 149 32.84 -4.49 -3.22
CA GLY A 149 33.79 -3.39 -3.28
C GLY A 149 34.16 -2.87 -1.90
N ARG A 150 33.23 -2.98 -0.96
CA ARG A 150 33.47 -2.52 0.41
C ARG A 150 34.40 -3.46 1.16
N PHE A 151 34.56 -4.67 0.64
CA PHE A 151 35.46 -5.65 1.24
C PHE A 151 36.83 -5.61 0.59
N GLY A 152 37.02 -4.68 -0.35
CA GLY A 152 38.31 -4.49 -0.98
C GLY A 152 38.42 -5.05 -2.39
N VAL A 153 37.32 -5.55 -2.93
CA VAL A 153 37.32 -6.11 -4.27
C VAL A 153 37.34 -5.01 -5.34
N THR A 154 38.29 -5.12 -6.28
CA THR A 154 38.43 -4.14 -7.35
C THR A 154 37.78 -4.66 -8.63
N THR A 155 37.10 -3.77 -9.35
CA THR A 155 36.43 -4.15 -10.59
C THR A 155 36.99 -3.40 -11.78
N ARG A 156 37.00 -4.06 -12.93
CA ARG A 156 37.31 -3.40 -14.19
C ARG A 156 36.44 -3.96 -15.31
N LEU A 157 36.13 -3.12 -16.29
CA LEU A 157 35.13 -3.47 -17.30
C LEU A 157 35.70 -4.04 -18.58
N THR A 158 34.94 -4.97 -19.17
CA THR A 158 35.26 -5.55 -20.47
C THR A 158 34.25 -5.02 -21.47
N ALA A 159 34.70 -4.80 -22.71
CA ALA A 159 33.89 -4.21 -23.77
C ALA A 159 32.45 -4.74 -23.86
N ASP A 160 32.28 -6.05 -23.79
CA ASP A 160 30.95 -6.65 -23.92
C ASP A 160 30.10 -6.50 -22.66
N GLY A 161 30.65 -5.83 -21.65
CA GLY A 161 29.92 -5.59 -20.42
C GLY A 161 30.34 -6.50 -19.29
N SER A 162 31.31 -7.37 -19.57
CA SER A 162 31.82 -8.29 -18.56
C SER A 162 32.69 -7.54 -17.54
N VAL A 163 32.76 -8.06 -16.32
CA VAL A 163 33.53 -7.43 -15.27
C VAL A 163 34.55 -8.40 -14.67
N ASP A 164 35.79 -7.94 -14.52
CA ASP A 164 36.83 -8.72 -13.90
C ASP A 164 37.02 -8.30 -12.44
N LEU A 165 36.85 -9.23 -11.52
CA LEU A 165 37.01 -8.93 -10.10
C LEU A 165 38.40 -9.31 -9.61
N THR A 166 38.98 -8.46 -8.78
CA THR A 166 40.29 -8.72 -8.19
C THR A 166 40.32 -8.36 -6.70
N ALA A 167 41.02 -9.16 -5.92
CA ALA A 167 41.12 -8.92 -4.48
C ALA A 167 42.34 -9.63 -3.88
N GLN A 168 43.39 -8.85 -3.61
CA GLN A 168 44.58 -9.39 -2.97
C GLN A 168 44.30 -9.78 -1.53
N ARG A 169 43.53 -8.95 -0.84
CA ARG A 169 43.12 -9.23 0.53
C ARG A 169 41.73 -8.65 0.80
N LEU A 170 40.92 -9.43 1.52
CA LEU A 170 39.58 -8.97 1.89
C LEU A 170 39.59 -8.36 3.28
N THR A 171 38.86 -7.27 3.45
CA THR A 171 38.79 -6.60 4.74
C THR A 171 37.35 -6.48 5.22
N PRO A 172 37.14 -6.64 6.53
CA PRO A 172 35.79 -6.52 7.12
C PRO A 172 35.25 -5.10 7.00
N CYS A 173 33.94 -4.95 7.16
N CYS A 173 33.96 -4.93 7.22
CA CYS A 173 33.29 -3.66 6.99
CA CYS A 173 33.34 -3.62 7.11
C CYS A 173 31.98 -3.59 7.80
C CYS A 173 32.01 -3.58 7.87
N THR A 174 31.50 -2.37 8.03
CA THR A 174 30.23 -2.16 8.71
C THR A 174 29.24 -1.53 7.72
N ILE A 175 28.23 -2.30 7.31
CA ILE A 175 27.31 -1.85 6.28
C ILE A 175 25.86 -1.78 6.77
N ASP A 176 25.19 -0.69 6.44
CA ASP A 176 23.75 -0.60 6.63
C ASP A 176 23.08 -1.04 5.34
N MET A 177 22.33 -2.13 5.39
CA MET A 177 21.72 -2.71 4.20
C MET A 177 20.65 -1.83 3.57
N LEU A 178 20.23 -0.79 4.29
CA LEU A 178 19.26 0.16 3.75
C LEU A 178 19.88 0.99 2.63
N ASP A 179 21.20 0.91 2.51
CA ASP A 179 21.93 1.55 1.42
C ASP A 179 21.54 0.92 0.08
N TYR A 180 20.98 -0.28 0.14
CA TYR A 180 20.62 -1.02 -1.06
C TYR A 180 19.11 -1.23 -1.17
N THR A 181 18.35 -0.27 -0.64
CA THR A 181 16.90 -0.29 -0.77
C THR A 181 16.43 0.98 -1.48
N ARG A 182 15.34 0.89 -2.22
CA ARG A 182 14.78 2.06 -2.89
C ARG A 182 14.17 3.02 -1.88
N ASN A 183 13.34 2.48 -0.99
CA ASN A 183 12.72 3.27 0.07
C ASN A 183 13.23 2.83 1.44
N LYS A 184 13.89 3.76 2.13
CA LYS A 184 14.53 3.46 3.42
C LYS A 184 13.50 3.17 4.51
N ALA A 185 12.41 3.92 4.52
CA ALA A 185 11.36 3.76 5.52
C ALA A 185 10.61 2.45 5.34
N LEU A 186 10.32 2.11 4.09
CA LEU A 186 9.61 0.88 3.78
C LEU A 186 10.56 -0.30 3.83
N MET A 187 11.85 -0.02 3.75
CA MET A 187 12.90 -1.04 3.71
C MET A 187 12.65 -2.02 2.56
N SER A 188 12.52 -1.48 1.36
CA SER A 188 12.22 -2.29 0.19
C SER A 188 13.00 -1.85 -1.04
N GLY A 189 13.38 -2.81 -1.87
CA GLY A 189 14.12 -2.52 -3.08
C GLY A 189 14.56 -3.77 -3.80
N PRO A 190 14.85 -3.65 -5.10
CA PRO A 190 15.28 -4.79 -5.93
C PRO A 190 16.72 -5.23 -5.62
N CYS A 191 17.49 -4.36 -4.99
CA CYS A 191 18.89 -4.64 -4.68
C CYS A 191 19.07 -5.09 -3.22
N TYR A 192 17.97 -5.07 -2.47
CA TYR A 192 18.01 -5.35 -1.03
C TYR A 192 18.48 -6.77 -0.74
N SER A 193 17.71 -7.76 -1.19
CA SER A 193 17.97 -9.15 -0.86
C SER A 193 19.32 -9.65 -1.38
N GLY A 194 19.68 -9.25 -2.59
CA GLY A 194 20.93 -9.68 -3.20
C GLY A 194 22.15 -9.12 -2.47
N ALA A 195 22.05 -7.87 -2.01
CA ALA A 195 23.15 -7.23 -1.31
C ALA A 195 23.42 -7.90 0.03
N VAL A 196 22.34 -8.33 0.70
CA VAL A 196 22.46 -8.99 1.99
C VAL A 196 23.13 -10.35 1.84
N LYS A 197 22.71 -11.11 0.84
CA LYS A 197 23.29 -12.42 0.56
C LYS A 197 24.78 -12.31 0.28
N THR A 198 25.14 -11.35 -0.56
CA THR A 198 26.54 -11.13 -0.93
C THR A 198 27.37 -10.72 0.28
N ALA A 199 26.88 -9.75 1.04
CA ALA A 199 27.59 -9.23 2.21
C ALA A 199 27.82 -10.33 3.25
N LEU A 200 26.82 -11.19 3.44
CA LEU A 200 26.96 -12.29 4.38
C LEU A 200 28.03 -13.27 3.93
N LEU A 201 28.01 -13.61 2.65
CA LEU A 201 29.01 -14.51 2.08
C LEU A 201 30.41 -13.90 2.17
N MET A 202 30.51 -12.63 1.83
CA MET A 202 31.79 -11.92 1.89
C MET A 202 32.30 -11.83 3.32
N GLY A 203 31.38 -11.68 4.27
CA GLY A 203 31.73 -11.58 5.67
C GLY A 203 32.32 -12.87 6.22
N ALA A 204 31.86 -13.99 5.69
CA ALA A 204 32.31 -15.30 6.16
C ALA A 204 33.67 -15.70 5.60
N VAL A 205 33.98 -15.19 4.41
CA VAL A 205 35.25 -15.52 3.75
C VAL A 205 36.29 -14.43 3.98
N THR A 206 36.02 -13.55 4.95
CA THR A 206 36.92 -12.45 5.27
C THR A 206 37.43 -12.55 6.70
N HIS A 207 38.71 -12.27 6.90
CA HIS A 207 39.28 -12.21 8.23
C HIS A 207 38.91 -10.90 8.91
N GLY A 208 38.09 -10.99 9.95
CA GLY A 208 37.69 -9.80 10.69
C GLY A 208 36.20 -9.76 11.00
N THR A 209 35.79 -8.77 11.78
CA THR A 209 34.40 -8.64 12.20
C THR A 209 33.60 -7.77 11.23
N THR A 210 32.60 -8.38 10.59
CA THR A 210 31.71 -7.65 9.70
C THR A 210 30.34 -7.49 10.35
N THR A 211 29.83 -6.27 10.33
CA THR A 211 28.53 -5.98 10.96
C THR A 211 27.52 -5.46 9.94
N LEU A 212 26.42 -6.19 9.79
CA LEU A 212 25.39 -5.82 8.84
C LEU A 212 24.17 -5.25 9.53
N GLN A 213 23.60 -4.18 8.97
CA GLN A 213 22.48 -3.49 9.59
C GLN A 213 21.22 -3.56 8.74
N HIS A 214 20.09 -3.80 9.40
CA HIS A 214 18.79 -3.93 8.73
C HIS A 214 18.81 -4.95 7.59
N PRO A 215 19.03 -6.24 7.92
CA PRO A 215 19.18 -7.26 6.88
C PRO A 215 17.85 -7.76 6.33
N TYR A 216 17.91 -8.39 5.16
CA TYR A 216 16.76 -9.07 4.58
C TYR A 216 16.42 -10.24 5.50
N LEU A 217 15.12 -10.52 5.67
CA LEU A 217 14.69 -11.42 6.74
C LEU A 217 13.98 -12.71 6.30
N LYS A 218 13.75 -12.86 5.01
CA LYS A 218 13.09 -14.06 4.49
C LYS A 218 14.02 -15.27 4.60
N PRO A 219 13.44 -16.50 4.62
CA PRO A 219 14.24 -17.74 4.68
C PRO A 219 15.31 -17.79 3.60
N ASP A 220 15.09 -17.03 2.53
CA ASP A 220 16.06 -16.81 1.47
C ASP A 220 17.44 -16.54 2.06
N VAL A 221 17.49 -15.63 3.03
CA VAL A 221 18.72 -15.26 3.71
C VAL A 221 18.88 -16.03 5.01
N THR A 222 17.78 -16.19 5.73
CA THR A 222 17.77 -16.87 7.03
C THR A 222 18.39 -18.26 6.99
N ASP A 223 18.02 -19.05 5.98
CA ASP A 223 18.52 -20.41 5.85
C ASP A 223 20.01 -20.45 5.51
N MET A 224 20.49 -19.46 4.77
CA MET A 224 21.90 -19.39 4.43
C MET A 224 22.74 -19.13 5.67
N VAL A 225 22.18 -18.35 6.60
CA VAL A 225 22.83 -18.08 7.88
C VAL A 225 23.05 -19.39 8.64
N THR A 226 22.01 -20.23 8.66
CA THR A 226 22.08 -21.53 9.32
C THR A 226 23.14 -22.42 8.66
N VAL A 227 23.20 -22.39 7.34
CA VAL A 227 24.16 -23.19 6.60
C VAL A 227 25.59 -22.73 6.90
N LEU A 228 25.82 -21.42 6.86
CA LEU A 228 27.14 -20.87 7.16
C LEU A 228 27.56 -21.19 8.59
N ARG A 229 26.61 -21.11 9.52
CA ARG A 229 26.87 -21.46 10.91
C ARG A 229 27.31 -22.91 11.05
N ASP A 230 26.60 -23.80 10.36
CA ASP A 230 26.91 -25.23 10.41
C ASP A 230 28.22 -25.55 9.72
N LEU A 231 28.61 -24.71 8.76
CA LEU A 231 29.88 -24.87 8.06
C LEU A 231 31.06 -24.57 8.99
N GLY A 232 30.86 -23.64 9.92
CA GLY A 232 31.87 -23.28 10.87
C GLY A 232 31.96 -21.79 11.15
N ALA A 233 31.16 -21.01 10.42
CA ALA A 233 31.15 -19.56 10.60
C ALA A 233 30.47 -19.17 11.91
N ASP A 234 30.85 -18.00 12.42
CA ASP A 234 30.25 -17.46 13.63
C ASP A 234 29.40 -16.25 13.32
N ILE A 235 28.11 -16.47 13.08
CA ILE A 235 27.19 -15.38 12.79
C ILE A 235 26.30 -15.09 14.00
N GLU A 236 26.30 -13.84 14.44
CA GLU A 236 25.62 -13.47 15.67
C GLU A 236 24.52 -12.44 15.47
N PHE A 237 23.36 -12.69 16.05
CA PHE A 237 22.25 -11.74 16.02
C PHE A 237 22.32 -10.85 17.25
N ALA A 238 23.19 -9.85 17.21
CA ALA A 238 23.41 -8.94 18.34
C ALA A 238 22.15 -8.15 18.70
N GLY A 239 21.43 -7.70 17.68
CA GLY A 239 20.20 -6.98 17.89
C GLY A 239 19.13 -7.41 16.90
N PRO A 240 17.93 -6.85 17.00
CA PRO A 240 16.85 -7.15 16.06
C PRO A 240 17.24 -6.77 14.64
N GLU A 241 18.07 -5.75 14.50
CA GLU A 241 18.48 -5.27 13.19
C GLU A 241 20.00 -5.29 13.02
N THR A 242 20.69 -6.06 13.86
CA THR A 242 22.14 -6.10 13.82
C THR A 242 22.69 -7.52 13.73
N TRP A 243 23.35 -7.82 12.62
CA TRP A 243 24.00 -9.11 12.43
C TRP A 243 25.50 -8.96 12.40
N VAL A 244 26.20 -9.73 13.22
CA VAL A 244 27.65 -9.65 13.31
C VAL A 244 28.31 -10.94 12.86
N ILE A 245 29.17 -10.85 11.85
CA ILE A 245 29.90 -12.01 11.35
C ILE A 245 31.36 -11.95 11.74
N HIS A 246 31.75 -12.77 12.72
CA HIS A 246 33.14 -12.87 13.11
C HIS A 246 33.86 -13.79 12.12
N GLY A 247 34.22 -13.23 10.97
CA GLY A 247 34.81 -14.00 9.89
C GLY A 247 36.22 -14.50 10.18
N ARG A 248 36.45 -15.78 9.87
CA ARG A 248 37.76 -16.39 10.05
C ARG A 248 38.27 -16.97 8.74
N GLY A 249 37.77 -16.45 7.63
CA GLY A 249 38.20 -16.88 6.31
C GLY A 249 37.56 -18.18 5.88
N PRO A 250 37.82 -18.59 4.62
CA PRO A 250 37.29 -19.83 4.04
C PRO A 250 37.83 -21.07 4.75
N GLU A 251 38.96 -20.92 5.43
CA GLU A 251 39.58 -22.05 6.12
C GLU A 251 38.81 -22.46 7.37
N SER A 252 37.87 -21.61 7.79
CA SER A 252 37.05 -21.91 8.97
C SER A 252 35.78 -22.65 8.59
N LEU A 253 35.52 -22.76 7.29
CA LEU A 253 34.32 -23.42 6.80
C LEU A 253 34.66 -24.83 6.29
N HIS A 254 34.79 -25.76 7.23
CA HIS A 254 35.23 -27.11 6.89
C HIS A 254 34.40 -28.20 7.56
N ARG A 255 33.23 -27.83 8.07
CA ARG A 255 32.36 -28.78 8.73
C ARG A 255 31.22 -29.23 7.81
N PRO A 256 31.05 -30.55 7.67
CA PRO A 256 30.00 -31.16 6.85
C PRO A 256 28.61 -30.74 7.31
N VAL A 257 27.71 -30.51 6.37
CA VAL A 257 26.38 -29.99 6.68
C VAL A 257 25.24 -30.81 6.06
N ASP A 258 24.25 -31.14 6.87
CA ASP A 258 23.01 -31.75 6.39
C ASP A 258 21.87 -30.76 6.55
N VAL A 259 21.21 -30.42 5.45
CA VAL A 259 20.13 -29.44 5.49
C VAL A 259 18.93 -29.84 4.63
N THR A 260 17.74 -29.73 5.22
CA THR A 260 16.51 -29.98 4.49
C THR A 260 15.84 -28.66 4.11
N LEU A 261 15.77 -28.39 2.82
CA LEU A 261 15.23 -27.13 2.33
C LEU A 261 13.79 -26.87 2.75
N ILE A 262 13.49 -25.61 3.04
CA ILE A 262 12.13 -25.17 3.30
C ILE A 262 11.33 -25.31 2.00
N PRO A 263 10.08 -25.79 2.09
CA PRO A 263 9.23 -25.90 0.89
C PRO A 263 9.14 -24.58 0.14
N ASP A 264 9.09 -24.66 -1.19
CA ASP A 264 9.07 -23.47 -2.04
C ASP A 264 7.90 -22.56 -1.68
N LEU A 265 8.22 -21.34 -1.27
CA LEU A 265 7.24 -20.40 -0.77
C LEU A 265 6.19 -20.03 -1.82
N ILE A 266 6.65 -19.74 -3.04
CA ILE A 266 5.75 -19.32 -4.10
C ILE A 266 4.96 -20.49 -4.67
N GLU A 267 5.53 -21.70 -4.59
CA GLU A 267 4.82 -22.89 -5.02
C GLU A 267 3.62 -23.14 -4.10
N VAL A 268 3.82 -22.89 -2.80
CA VAL A 268 2.74 -23.02 -1.83
C VAL A 268 1.62 -22.04 -2.17
N VAL A 269 1.99 -20.79 -2.42
CA VAL A 269 1.04 -19.77 -2.84
C VAL A 269 0.30 -20.20 -4.09
N THR A 270 1.04 -20.74 -5.04
CA THR A 270 0.48 -21.18 -6.32
C THR A 270 -0.58 -22.25 -6.14
N TRP A 271 -0.31 -23.23 -5.27
CA TRP A 271 -1.23 -24.32 -5.04
C TRP A 271 -2.46 -23.90 -4.23
N ILE A 272 -2.25 -22.97 -3.31
CA ILE A 272 -3.37 -22.41 -2.53
C ILE A 272 -4.32 -21.68 -3.47
N CYS A 273 -3.74 -20.91 -4.39
CA CYS A 273 -4.53 -20.20 -5.40
C CYS A 273 -5.29 -21.19 -6.28
N ALA A 274 -4.63 -22.29 -6.64
CA ALA A 274 -5.24 -23.31 -7.47
C ALA A 274 -6.35 -24.06 -6.75
N GLY A 275 -6.10 -24.40 -5.49
CA GLY A 275 -7.07 -25.13 -4.69
C GLY A 275 -8.34 -24.35 -4.43
N VAL A 276 -8.19 -23.05 -4.22
CA VAL A 276 -9.34 -22.18 -3.94
C VAL A 276 -10.23 -21.99 -5.17
N LEU A 277 -9.59 -21.88 -6.34
CA LEU A 277 -10.31 -21.50 -7.56
C LEU A 277 -10.62 -22.66 -8.51
N LEU A 278 -9.87 -23.75 -8.42
CA LEU A 278 -9.99 -24.82 -9.39
C LEU A 278 -10.46 -26.16 -8.83
N ALA A 279 -10.29 -26.36 -7.52
CA ALA A 279 -10.65 -27.63 -6.90
C ALA A 279 -12.11 -27.66 -6.45
N ASP A 280 -12.65 -28.86 -6.32
CA ASP A 280 -14.02 -29.04 -5.82
C ASP A 280 -14.02 -29.68 -4.44
N GLU A 281 -12.85 -30.16 -4.03
CA GLU A 281 -12.63 -30.65 -2.67
C GLU A 281 -11.37 -30.00 -2.11
N PRO A 282 -11.28 -29.90 -0.77
CA PRO A 282 -10.09 -29.33 -0.12
C PRO A 282 -8.79 -29.93 -0.62
N LEU A 283 -7.94 -29.09 -1.21
CA LEU A 283 -6.70 -29.55 -1.82
C LEU A 283 -5.58 -29.66 -0.78
N ARG A 284 -5.09 -30.89 -0.58
CA ARG A 284 -4.02 -31.13 0.39
C ARG A 284 -2.67 -30.85 -0.25
N ILE A 285 -1.89 -29.99 0.40
CA ILE A 285 -0.59 -29.60 -0.11
C ILE A 285 0.50 -29.95 0.91
N THR A 286 1.35 -30.90 0.55
CA THR A 286 2.34 -31.42 1.50
C THR A 286 3.75 -30.88 1.24
N GLY A 287 4.61 -31.01 2.27
CA GLY A 287 5.98 -30.57 2.19
C GLY A 287 6.63 -30.63 3.56
N PRO A 288 7.85 -31.16 3.65
CA PRO A 288 8.55 -31.29 4.93
C PRO A 288 8.82 -29.93 5.57
N GLY A 289 8.17 -29.67 6.69
CA GLY A 289 8.33 -28.41 7.39
C GLY A 289 7.65 -27.26 6.67
N ILE A 290 6.48 -27.54 6.09
CA ILE A 290 5.74 -26.54 5.34
C ILE A 290 5.19 -25.46 6.26
N ASP A 291 5.12 -25.77 7.56
CA ASP A 291 4.68 -24.80 8.55
C ASP A 291 5.64 -23.61 8.62
N ARG A 292 6.93 -23.89 8.41
CA ARG A 292 7.94 -22.84 8.33
C ARG A 292 7.71 -21.97 7.11
N ALA A 293 7.32 -22.60 6.01
CA ALA A 293 7.00 -21.89 4.78
C ALA A 293 5.80 -20.98 4.99
N VAL A 294 4.79 -21.50 5.68
CA VAL A 294 3.58 -20.75 5.99
C VAL A 294 3.90 -19.52 6.84
N HIS A 295 4.68 -19.72 7.90
CA HIS A 295 5.04 -18.63 8.79
C HIS A 295 5.85 -17.57 8.06
N ALA A 296 6.66 -17.99 7.11
CA ALA A 296 7.42 -17.06 6.27
C ALA A 296 6.49 -16.29 5.35
N LEU A 297 5.39 -16.93 4.98
CA LEU A 297 4.38 -16.31 4.12
C LEU A 297 3.30 -15.61 4.94
N ALA A 298 3.67 -15.20 6.15
CA ALA A 298 2.74 -14.48 7.03
C ALA A 298 2.08 -13.24 6.42
N PRO A 299 2.83 -12.41 5.67
CA PRO A 299 2.14 -11.30 5.00
C PRO A 299 1.10 -11.80 3.99
N GLU A 300 1.45 -12.84 3.24
CA GLU A 300 0.53 -13.43 2.28
C GLU A 300 -0.70 -14.03 2.96
N PHE A 301 -0.49 -14.71 4.08
CA PHE A 301 -1.58 -15.36 4.79
C PHE A 301 -2.49 -14.37 5.50
N ASP A 302 -1.96 -13.21 5.86
CA ASP A 302 -2.78 -12.15 6.44
C ASP A 302 -3.74 -11.62 5.39
N LEU A 303 -3.27 -11.57 4.15
CA LEU A 303 -4.11 -11.16 3.02
C LEU A 303 -5.19 -12.20 2.74
N LEU A 304 -4.78 -13.48 2.74
CA LEU A 304 -5.70 -14.58 2.49
C LEU A 304 -6.83 -14.59 3.51
N ASP A 305 -6.49 -14.31 4.77
CA ASP A 305 -7.48 -14.26 5.84
C ASP A 305 -8.43 -13.08 5.63
N ARG A 306 -7.88 -11.97 5.14
CA ARG A 306 -8.68 -10.78 4.89
C ARG A 306 -9.60 -10.94 3.68
N MET A 307 -9.18 -11.77 2.73
CA MET A 307 -9.98 -12.02 1.54
C MET A 307 -11.07 -13.05 1.82
N GLY A 308 -10.91 -13.81 2.90
CA GLY A 308 -11.88 -14.82 3.27
C GLY A 308 -11.46 -16.21 2.82
N VAL A 309 -10.19 -16.35 2.45
CA VAL A 309 -9.64 -17.63 2.02
C VAL A 309 -9.32 -18.53 3.23
N ARG A 310 -9.88 -19.73 3.23
CA ARG A 310 -9.64 -20.68 4.32
C ARG A 310 -8.53 -21.66 3.99
N VAL A 311 -7.49 -21.68 4.82
CA VAL A 311 -6.40 -22.64 4.67
C VAL A 311 -6.06 -23.29 6.02
N ASP A 312 -6.23 -24.60 6.08
CA ASP A 312 -5.88 -25.35 7.29
C ASP A 312 -4.38 -25.61 7.32
N VAL A 313 -3.70 -25.09 8.34
CA VAL A 313 -2.26 -25.20 8.43
C VAL A 313 -1.81 -26.29 9.41
N GLY A 314 -1.06 -27.26 8.89
CA GLY A 314 -0.48 -28.31 9.71
C GLY A 314 1.02 -28.22 9.76
N ALA A 315 1.68 -29.33 10.08
CA ALA A 315 3.13 -29.35 10.19
C ALA A 315 3.80 -29.59 8.84
N ASP A 316 3.43 -30.71 8.20
CA ASP A 316 4.01 -31.06 6.90
C ASP A 316 2.98 -30.95 5.79
N GLU A 317 1.84 -30.34 6.08
CA GLU A 317 0.80 -30.18 5.08
C GLU A 317 -0.09 -28.96 5.36
N VAL A 318 -0.62 -28.38 4.28
CA VAL A 318 -1.64 -27.35 4.40
C VAL A 318 -2.81 -27.73 3.49
N THR A 319 -4.01 -27.28 3.86
CA THR A 319 -5.21 -27.63 3.12
C THR A 319 -5.95 -26.38 2.64
N ALA A 320 -6.00 -26.19 1.33
CA ALA A 320 -6.68 -25.05 0.74
C ALA A 320 -8.09 -25.41 0.31
N HIS A 321 -9.07 -24.67 0.82
CA HIS A 321 -10.47 -24.94 0.54
C HIS A 321 -10.99 -24.13 -0.64
N PRO A 322 -11.75 -24.78 -1.53
CA PRO A 322 -12.40 -24.11 -2.66
C PRO A 322 -13.36 -23.02 -2.20
N LEU A 323 -13.77 -22.14 -3.11
CA LEU A 323 -14.69 -21.06 -2.79
C LEU A 323 -16.04 -21.57 -2.30
N THR A 324 -16.54 -20.95 -1.24
CA THR A 324 -17.88 -21.25 -0.74
C THR A 324 -18.74 -20.00 -0.92
N LYS A 325 -18.09 -18.88 -1.17
CA LYS A 325 -18.74 -17.60 -1.39
C LYS A 325 -17.71 -16.63 -1.97
N PRO A 326 -18.17 -15.51 -2.56
CA PRO A 326 -17.24 -14.51 -3.10
C PRO A 326 -16.23 -14.02 -2.05
N LEU A 327 -15.04 -13.67 -2.50
CA LEU A 327 -13.99 -13.18 -1.61
C LEU A 327 -14.14 -11.69 -1.32
N ARG A 328 -13.30 -11.19 -0.42
CA ARG A 328 -13.28 -9.77 -0.10
C ARG A 328 -12.04 -9.11 -0.70
N PRO A 329 -12.20 -7.89 -1.22
CA PRO A 329 -11.09 -7.16 -1.85
C PRO A 329 -10.09 -6.66 -0.81
N VAL A 330 -8.84 -6.48 -1.24
CA VAL A 330 -7.78 -5.99 -0.36
C VAL A 330 -6.89 -5.00 -1.09
N GLU A 331 -6.27 -4.10 -0.33
CA GLU A 331 -5.23 -3.25 -0.86
C GLU A 331 -3.94 -3.48 -0.07
N PHE A 332 -2.84 -3.64 -0.78
CA PHE A 332 -1.57 -3.94 -0.13
C PHE A 332 -0.38 -3.57 -1.01
N THR A 333 0.81 -3.68 -0.45
CA THR A 333 2.03 -3.37 -1.17
C THR A 333 3.03 -4.53 -1.08
N ALA A 334 3.41 -5.07 -2.23
CA ALA A 334 4.44 -6.10 -2.27
C ALA A 334 5.79 -5.47 -1.96
N MET A 335 6.38 -5.87 -0.84
CA MET A 335 7.63 -5.28 -0.40
C MET A 335 8.60 -6.32 0.16
N SER A 336 9.85 -5.91 0.38
CA SER A 336 10.90 -6.80 0.84
C SER A 336 10.59 -7.41 2.20
N ARG A 337 10.11 -6.58 3.13
CA ARG A 337 9.73 -7.06 4.45
C ARG A 337 8.22 -7.25 4.55
N GLY A 338 7.61 -7.67 3.45
CA GLY A 338 6.18 -7.92 3.41
C GLY A 338 5.84 -9.00 2.39
N VAL A 339 4.78 -8.76 1.64
CA VAL A 339 4.33 -9.71 0.61
C VAL A 339 5.36 -9.82 -0.51
N PHE A 340 5.68 -11.06 -0.88
CA PHE A 340 6.61 -11.32 -1.99
C PHE A 340 6.10 -10.73 -3.29
N SER A 341 7.03 -10.38 -4.16
CA SER A 341 6.68 -9.83 -5.48
C SER A 341 6.12 -10.93 -6.36
N ASP A 342 6.58 -12.16 -6.13
CA ASP A 342 6.15 -13.32 -6.92
C ASP A 342 4.76 -13.81 -6.50
N SER A 343 4.33 -13.40 -5.31
CA SER A 343 3.03 -13.82 -4.78
C SER A 343 1.90 -12.96 -5.33
N GLN A 344 2.24 -11.73 -5.69
CA GLN A 344 1.26 -10.76 -6.17
C GLN A 344 0.40 -11.17 -7.38
N PRO A 345 0.98 -11.83 -8.41
CA PRO A 345 0.13 -12.21 -9.54
C PRO A 345 -0.99 -13.19 -9.16
N PHE A 346 -0.71 -14.09 -8.22
CA PHE A 346 -1.70 -15.07 -7.78
C PHE A 346 -2.77 -14.42 -6.91
N LEU A 347 -2.38 -13.38 -6.19
CA LEU A 347 -3.33 -12.63 -5.37
C LEU A 347 -4.22 -11.76 -6.27
N ALA A 348 -3.69 -11.37 -7.42
CA ALA A 348 -4.46 -10.60 -8.39
C ALA A 348 -5.56 -11.46 -8.98
N LEU A 349 -5.25 -12.72 -9.25
CA LEU A 349 -6.22 -13.66 -9.79
C LEU A 349 -7.33 -13.93 -8.77
N LEU A 350 -6.94 -14.05 -7.51
CA LEU A 350 -7.90 -14.24 -6.43
C LEU A 350 -8.80 -13.01 -6.28
N GLY A 351 -8.23 -11.84 -6.58
CA GLY A 351 -8.97 -10.59 -6.50
C GLY A 351 -10.09 -10.51 -7.51
N ALA A 352 -9.95 -11.26 -8.61
CA ALA A 352 -10.96 -11.30 -9.65
C ALA A 352 -12.24 -11.99 -9.16
N TYR A 353 -12.11 -12.73 -8.06
CA TYR A 353 -13.24 -13.42 -7.47
C TYR A 353 -13.75 -12.70 -6.22
N ALA A 354 -13.13 -11.59 -5.90
CA ALA A 354 -13.54 -10.77 -4.77
C ALA A 354 -14.58 -9.74 -5.20
N GLU A 355 -15.44 -9.34 -4.27
CA GLU A 355 -16.46 -8.34 -4.58
C GLU A 355 -15.99 -6.93 -4.25
N GLY A 356 -15.35 -6.30 -5.22
CA GLY A 356 -14.81 -4.96 -5.03
C GLY A 356 -13.44 -4.81 -5.68
N PRO A 357 -12.85 -3.62 -5.55
CA PRO A 357 -11.54 -3.32 -6.15
C PRO A 357 -10.39 -3.84 -5.31
N THR A 358 -9.47 -4.56 -5.94
CA THR A 358 -8.24 -4.97 -5.27
C THR A 358 -7.08 -4.12 -5.77
N TYR A 359 -6.40 -3.45 -4.85
CA TYR A 359 -5.29 -2.57 -5.21
C TYR A 359 -3.95 -3.21 -4.87
N ILE A 360 -3.12 -3.38 -5.88
CA ILE A 360 -1.81 -4.00 -5.68
C ILE A 360 -0.68 -3.06 -6.07
N ARG A 361 0.20 -2.78 -5.11
CA ARG A 361 1.34 -1.90 -5.36
C ARG A 361 2.65 -2.66 -5.31
N GLU A 362 3.47 -2.48 -6.34
CA GLU A 362 4.76 -3.13 -6.43
C GLU A 362 5.87 -2.22 -5.90
N ALA A 363 6.59 -2.68 -4.88
CA ALA A 363 7.64 -1.88 -4.28
C ALA A 363 8.99 -2.60 -4.27
N VAL A 364 9.14 -3.58 -5.14
CA VAL A 364 10.41 -4.30 -5.29
C VAL A 364 10.85 -4.32 -6.75
N TRP A 365 10.16 -5.12 -7.55
CA TRP A 365 10.50 -5.26 -8.98
C TRP A 365 9.55 -4.47 -9.87
N GLU A 366 9.96 -3.24 -10.18
CA GLU A 366 9.21 -2.37 -11.07
C GLU A 366 8.90 -3.04 -12.39
N HIS A 367 7.71 -2.76 -12.93
CA HIS A 367 7.30 -3.27 -14.24
C HIS A 367 7.25 -4.80 -14.31
N ARG A 368 6.43 -5.42 -13.48
CA ARG A 368 6.17 -6.85 -13.62
C ARG A 368 4.68 -7.17 -13.52
N PHE A 369 3.88 -6.31 -14.14
CA PHE A 369 2.46 -6.55 -14.30
C PHE A 369 2.18 -6.96 -15.73
N GLY A 370 3.14 -7.68 -16.33
CA GLY A 370 3.03 -8.11 -17.71
C GLY A 370 1.99 -9.19 -17.93
N PHE A 371 1.51 -9.77 -16.84
CA PHE A 371 0.47 -10.79 -16.91
C PHE A 371 -0.91 -10.16 -17.06
N ALA A 372 -1.02 -8.90 -16.66
CA ALA A 372 -2.30 -8.18 -16.67
C ALA A 372 -3.01 -8.08 -18.03
N PRO A 373 -2.30 -7.67 -19.10
CA PRO A 373 -3.00 -7.60 -20.39
C PRO A 373 -3.47 -8.96 -20.89
N GLU A 374 -2.82 -10.03 -20.43
CA GLU A 374 -3.19 -11.38 -20.83
C GLU A 374 -4.41 -11.86 -20.06
N LEU A 375 -4.49 -11.48 -18.78
CA LEU A 375 -5.66 -11.79 -17.97
C LEU A 375 -6.86 -11.02 -18.48
N GLU A 376 -6.60 -9.86 -19.09
CA GLU A 376 -7.65 -9.02 -19.67
C GLU A 376 -8.38 -9.77 -20.78
N ALA A 377 -7.63 -10.55 -21.55
CA ALA A 377 -8.19 -11.30 -22.68
C ALA A 377 -9.16 -12.38 -22.20
N LEU A 378 -8.96 -12.86 -20.99
CA LEU A 378 -9.81 -13.91 -20.44
C LEU A 378 -11.11 -13.36 -19.86
N GLY A 379 -11.16 -12.04 -19.67
CA GLY A 379 -12.36 -11.40 -19.15
C GLY A 379 -12.12 -10.65 -17.85
N ILE A 380 -10.95 -10.84 -17.27
CA ILE A 380 -10.59 -10.18 -16.03
C ILE A 380 -10.31 -8.69 -16.25
N ARG A 381 -10.94 -7.84 -15.47
CA ARG A 381 -10.80 -6.40 -15.60
C ARG A 381 -9.64 -5.87 -14.77
N THR A 382 -8.62 -5.33 -15.44
CA THR A 382 -7.46 -4.78 -14.74
C THR A 382 -7.15 -3.35 -15.18
N ALA A 383 -6.35 -2.67 -14.36
CA ALA A 383 -5.86 -1.33 -14.69
C ALA A 383 -4.45 -1.18 -14.14
N VAL A 384 -3.54 -0.66 -14.96
CA VAL A 384 -2.15 -0.52 -14.58
C VAL A 384 -1.64 0.90 -14.75
N ASP A 385 -1.09 1.47 -13.68
CA ASP A 385 -0.42 2.76 -13.74
C ASP A 385 0.87 2.71 -12.95
N ASP A 386 1.99 2.61 -13.66
CA ASP A 386 3.32 2.58 -13.05
C ASP A 386 3.49 1.40 -12.09
N THR A 387 3.50 1.69 -10.79
CA THR A 387 3.76 0.67 -9.77
C THR A 387 2.48 0.06 -9.23
N VAL A 388 1.33 0.51 -9.75
CA VAL A 388 0.05 0.10 -9.20
C VAL A 388 -0.78 -0.74 -10.17
N LEU A 389 -1.31 -1.84 -9.67
CA LEU A 389 -2.24 -2.67 -10.42
C LEU A 389 -3.57 -2.76 -9.67
N ARG A 390 -4.67 -2.56 -10.39
CA ARG A 390 -6.00 -2.64 -9.79
C ARG A 390 -6.84 -3.69 -10.48
N VAL A 391 -7.54 -4.50 -9.70
CA VAL A 391 -8.45 -5.50 -10.24
C VAL A 391 -9.89 -5.18 -9.85
N ASP A 392 -10.76 -5.03 -10.84
CA ASP A 392 -12.16 -4.69 -10.59
C ASP A 392 -13.03 -5.93 -10.44
N GLY A 393 -12.99 -6.54 -9.27
CA GLY A 393 -13.81 -7.70 -8.99
C GLY A 393 -15.25 -7.32 -8.68
N PRO A 394 -16.20 -8.24 -8.93
CA PRO A 394 -15.95 -9.57 -9.49
C PRO A 394 -15.73 -9.55 -11.00
N CYS A 395 -14.71 -10.25 -11.47
CA CYS A 395 -14.44 -10.36 -12.90
C CYS A 395 -13.69 -11.65 -13.22
N PRO A 396 -14.29 -12.81 -12.92
CA PRO A 396 -13.59 -14.08 -13.13
C PRO A 396 -13.37 -14.36 -14.61
N PRO A 397 -12.26 -15.03 -14.95
CA PRO A 397 -11.95 -15.36 -16.34
C PRO A 397 -12.99 -16.32 -16.93
N HIS A 398 -13.44 -16.05 -18.16
CA HIS A 398 -14.48 -16.85 -18.76
C HIS A 398 -14.35 -16.95 -20.29
N ARG A 399 -13.70 -15.96 -20.89
CA ARG A 399 -13.58 -15.91 -22.35
C ARG A 399 -12.62 -16.97 -22.89
N PRO A 400 -13.14 -17.88 -23.74
CA PRO A 400 -12.34 -18.93 -24.37
C PRO A 400 -11.85 -18.52 -25.76
N GLY A 401 -11.01 -19.35 -26.36
CA GLY A 401 -10.53 -19.12 -27.71
C GLY A 401 -9.51 -18.02 -27.85
N THR A 402 -8.69 -17.84 -26.82
CA THR A 402 -7.66 -16.81 -26.82
C THR A 402 -6.26 -17.39 -26.94
N ASP A 403 -5.32 -16.54 -27.31
CA ASP A 403 -3.91 -16.94 -27.38
C ASP A 403 -3.08 -16.12 -26.39
N LEU A 404 -2.76 -16.75 -25.25
CA LEU A 404 -2.05 -16.05 -24.18
C LEU A 404 -0.54 -16.19 -24.30
N ARG A 405 0.17 -15.08 -24.09
CA ARG A 405 1.63 -15.09 -24.11
C ARG A 405 2.19 -14.76 -22.74
N ALA A 406 3.03 -15.64 -22.21
CA ALA A 406 3.66 -15.43 -20.92
C ALA A 406 4.87 -14.53 -21.05
N THR A 407 5.02 -13.59 -20.11
CA THR A 407 6.15 -12.66 -20.14
C THR A 407 7.25 -13.11 -19.18
N ASP A 408 6.88 -13.89 -18.17
CA ASP A 408 7.83 -14.34 -17.17
C ASP A 408 7.37 -15.61 -16.45
N LEU A 409 8.10 -16.00 -15.41
CA LEU A 409 7.84 -17.23 -14.67
C LEU A 409 6.45 -17.25 -14.01
N ARG A 410 6.21 -16.29 -13.12
CA ARG A 410 4.95 -16.26 -12.39
C ARG A 410 3.77 -15.89 -13.30
N ALA A 411 4.08 -15.23 -14.40
CA ALA A 411 3.06 -14.88 -15.38
C ALA A 411 2.52 -16.12 -16.07
N ALA A 412 3.43 -17.03 -16.41
CA ALA A 412 3.05 -18.29 -17.06
C ALA A 412 2.17 -19.14 -16.15
N ALA A 413 2.50 -19.14 -14.86
CA ALA A 413 1.77 -19.94 -13.89
C ALA A 413 0.35 -19.42 -13.67
N VAL A 414 0.23 -18.11 -13.47
CA VAL A 414 -1.06 -17.51 -13.16
C VAL A 414 -2.01 -17.52 -14.37
N LEU A 415 -1.45 -17.46 -15.57
CA LEU A 415 -2.25 -17.54 -16.78
C LEU A 415 -2.77 -18.95 -16.97
N LEU A 416 -1.95 -19.93 -16.64
CA LEU A 416 -2.32 -21.34 -16.75
C LEU A 416 -3.45 -21.68 -15.79
N LEU A 417 -3.39 -21.11 -14.59
CA LEU A 417 -4.42 -21.34 -13.58
C LEU A 417 -5.74 -20.68 -14.00
N ALA A 418 -5.65 -19.48 -14.54
CA ALA A 418 -6.83 -18.74 -14.98
C ALA A 418 -7.47 -19.41 -16.19
N ALA A 419 -6.63 -19.97 -17.06
CA ALA A 419 -7.12 -20.66 -18.25
C ALA A 419 -7.91 -21.92 -17.89
N LEU A 420 -7.48 -22.57 -16.81
CA LEU A 420 -8.13 -23.79 -16.35
C LEU A 420 -9.53 -23.51 -15.79
N ALA A 421 -9.82 -22.25 -15.51
CA ALA A 421 -11.13 -21.85 -15.01
C ALA A 421 -12.09 -21.60 -16.17
N VAL A 422 -11.54 -21.25 -17.33
CA VAL A 422 -12.36 -20.95 -18.51
C VAL A 422 -12.90 -22.20 -19.18
N PRO A 423 -14.23 -22.32 -19.26
CA PRO A 423 -14.88 -23.48 -19.88
C PRO A 423 -14.73 -23.46 -21.40
N GLY A 424 -13.52 -23.67 -21.88
CA GLY A 424 -13.24 -23.67 -23.31
C GLY A 424 -11.78 -23.87 -23.61
N ARG A 425 -11.38 -23.59 -24.84
CA ARG A 425 -9.99 -23.79 -25.26
C ARG A 425 -9.18 -22.51 -25.16
N THR A 426 -7.97 -22.64 -24.62
CA THR A 426 -7.04 -21.52 -24.51
C THR A 426 -5.62 -21.99 -24.80
N THR A 427 -4.87 -21.20 -25.55
CA THR A 427 -3.49 -21.52 -25.83
C THR A 427 -2.55 -20.60 -25.06
N LEU A 428 -1.45 -21.17 -24.57
CA LEU A 428 -0.45 -20.40 -23.83
C LEU A 428 0.95 -20.72 -24.34
N ARG A 429 1.69 -19.68 -24.71
CA ARG A 429 3.07 -19.86 -25.15
C ARG A 429 4.06 -19.17 -24.24
N ASN A 430 5.35 -19.35 -24.52
CA ASN A 430 6.42 -18.90 -23.65
C ASN A 430 6.29 -19.50 -22.25
N HIS A 431 5.83 -20.74 -22.20
CA HIS A 431 5.65 -21.45 -20.94
C HIS A 431 6.94 -22.13 -20.50
N HIS A 432 8.02 -21.85 -21.21
CA HIS A 432 9.33 -22.39 -20.88
C HIS A 432 9.85 -21.77 -19.59
N HIS A 433 9.24 -20.65 -19.19
CA HIS A 433 9.61 -19.97 -17.96
C HIS A 433 9.32 -20.84 -16.73
N LEU A 434 8.29 -21.68 -16.85
CA LEU A 434 7.84 -22.52 -15.73
C LEU A 434 8.91 -23.47 -15.22
N ALA A 435 9.83 -23.88 -16.09
CA ALA A 435 10.87 -24.83 -15.73
C ALA A 435 11.86 -24.25 -14.73
N ARG A 436 11.90 -22.93 -14.63
CA ARG A 436 12.83 -22.25 -13.73
C ARG A 436 12.23 -22.01 -12.35
N GLY A 437 10.95 -22.35 -12.19
CA GLY A 437 10.27 -22.15 -10.92
C GLY A 437 9.56 -23.39 -10.41
N TYR A 438 9.16 -24.25 -11.34
CA TYR A 438 8.45 -25.49 -10.98
C TYR A 438 9.11 -26.68 -11.64
N ARG A 439 9.02 -27.84 -10.99
CA ARG A 439 9.57 -29.07 -11.55
C ARG A 439 8.88 -29.39 -12.87
N ASP A 440 7.56 -29.49 -12.80
CA ASP A 440 6.73 -29.73 -13.97
C ASP A 440 5.29 -29.37 -13.63
N LEU A 441 4.99 -28.08 -13.64
CA LEU A 441 3.69 -27.57 -13.22
C LEU A 441 2.54 -28.15 -14.04
N VAL A 442 2.76 -28.32 -15.33
CA VAL A 442 1.74 -28.88 -16.21
C VAL A 442 1.41 -30.31 -15.82
N GLU A 443 2.44 -31.13 -15.63
CA GLU A 443 2.25 -32.52 -15.25
C GLU A 443 1.53 -32.66 -13.91
N ASP A 444 1.90 -31.81 -12.95
CA ASP A 444 1.27 -31.84 -11.63
C ASP A 444 -0.20 -31.46 -11.69
N LEU A 445 -0.52 -30.49 -12.55
CA LEU A 445 -1.91 -30.04 -12.72
C LEU A 445 -2.74 -31.11 -13.42
N VAL A 446 -2.20 -31.65 -14.51
CA VAL A 446 -2.87 -32.72 -15.26
C VAL A 446 -3.17 -33.90 -14.34
N LYS A 447 -2.25 -34.15 -13.41
CA LYS A 447 -2.41 -35.24 -12.44
C LYS A 447 -3.64 -35.01 -11.56
N LEU A 448 -4.02 -33.75 -11.39
CA LEU A 448 -5.18 -33.40 -10.57
C LEU A 448 -6.47 -33.42 -11.37
N GLY A 449 -6.36 -33.60 -12.69
CA GLY A 449 -7.52 -33.70 -13.55
C GLY A 449 -7.56 -32.64 -14.63
N ALA A 450 -6.54 -31.79 -14.67
CA ALA A 450 -6.48 -30.72 -15.65
C ALA A 450 -6.26 -31.26 -17.06
N ASP A 451 -6.89 -30.62 -18.04
CA ASP A 451 -6.72 -31.02 -19.43
C ASP A 451 -5.75 -30.08 -20.15
N ILE A 452 -4.46 -30.36 -20.01
CA ILE A 452 -3.43 -29.55 -20.65
C ILE A 452 -2.63 -30.41 -21.62
N ARG A 453 -2.49 -29.95 -22.86
CA ARG A 453 -1.82 -30.72 -23.90
C ARG A 453 -0.65 -29.95 -24.50
N HIS A 454 0.41 -30.67 -24.85
CA HIS A 454 1.57 -30.08 -25.50
C HIS A 454 1.42 -30.13 -27.02
N THR A 455 1.30 -28.96 -27.64
CA THR A 455 1.15 -28.89 -29.09
C THR A 455 2.20 -27.97 -29.71
N THR A 456 1.94 -27.55 -30.95
CA THR A 456 2.84 -26.64 -31.65
C THR A 456 2.03 -25.55 -32.36
N ALA A 457 2.67 -24.41 -32.59
CA ALA A 457 2.03 -23.24 -33.19
C ALA A 457 1.29 -23.43 -34.53
N PRO A 458 1.90 -24.11 -35.52
CA PRO A 458 1.25 -24.18 -36.83
C PRO A 458 -0.12 -24.87 -36.78
N PRO B 11 5.55 28.88 16.51
CA PRO B 11 5.94 30.03 17.32
C PRO B 11 5.46 31.34 16.68
N GLY B 12 4.22 31.73 16.96
CA GLY B 12 3.37 30.95 17.82
C GLY B 12 3.32 31.54 19.21
N GLU B 13 2.38 32.45 19.41
CA GLU B 13 2.27 33.18 20.65
C GLU B 13 1.42 32.48 21.73
N PRO B 14 0.13 32.20 21.45
CA PRO B 14 -0.57 31.49 22.53
C PRO B 14 -0.10 30.05 22.65
N LEU B 15 -0.21 29.47 23.84
CA LEU B 15 0.26 28.12 24.08
C LEU B 15 -0.80 27.25 24.75
N LEU B 16 -0.76 25.96 24.45
CA LEU B 16 -1.53 24.97 25.19
C LEU B 16 -0.63 24.27 26.20
N GLU B 17 -0.98 24.38 27.47
CA GLU B 17 -0.22 23.75 28.54
C GLU B 17 -0.87 22.44 28.92
N ILE B 18 -0.33 21.34 28.42
CA ILE B 18 -0.93 20.02 28.62
C ILE B 18 -0.32 19.27 29.78
N HIS B 19 -1.18 18.80 30.68
CA HIS B 19 -0.76 17.93 31.77
C HIS B 19 -1.38 16.55 31.59
N GLY B 20 -0.65 15.65 30.93
CA GLY B 20 -1.17 14.34 30.62
C GLY B 20 -1.13 13.39 31.80
N GLY B 21 -1.50 12.14 31.56
CA GLY B 21 -1.52 11.13 32.61
C GLY B 21 -2.91 10.87 33.14
N ASN B 22 -3.83 11.78 32.83
CA ASN B 22 -5.21 11.64 33.28
C ASN B 22 -6.04 10.79 32.32
N ARG B 23 -6.83 9.88 32.90
CA ARG B 23 -7.71 9.02 32.11
C ARG B 23 -9.02 9.73 31.79
N LEU B 24 -9.42 9.69 30.53
CA LEU B 24 -10.65 10.35 30.10
C LEU B 24 -11.87 9.45 30.31
N SER B 25 -13.02 10.07 30.53
CA SER B 25 -14.26 9.32 30.75
C SER B 25 -15.48 10.22 30.52
N GLY B 26 -16.54 9.63 29.97
CA GLY B 26 -17.76 10.38 29.69
C GLY B 26 -18.28 10.07 28.31
N ALA B 27 -19.02 11.02 27.75
CA ALA B 27 -19.58 10.86 26.41
C ALA B 27 -19.28 12.09 25.55
N VAL B 28 -19.09 11.86 24.26
CA VAL B 28 -18.84 12.95 23.33
C VAL B 28 -19.86 12.96 22.20
N ARG B 29 -20.27 14.15 21.78
CA ARG B 29 -21.14 14.29 20.63
C ARG B 29 -20.38 14.90 19.47
N THR B 30 -20.59 14.36 18.27
CA THR B 30 -19.89 14.83 17.08
C THR B 30 -20.67 15.92 16.37
N SER B 31 -19.96 16.72 15.58
CA SER B 31 -20.60 17.73 14.74
C SER B 31 -20.60 17.23 13.29
N GLY B 32 -21.32 17.94 12.42
CA GLY B 32 -21.43 17.54 11.03
C GLY B 32 -20.13 17.57 10.27
N PHE B 33 -20.08 16.82 9.18
CA PHE B 33 -18.89 16.75 8.34
C PHE B 33 -18.59 18.12 7.72
N LYS B 34 -17.41 18.64 8.07
CA LYS B 34 -16.96 19.94 7.59
C LYS B 34 -16.95 20.02 6.07
N HIS B 35 -16.47 18.96 5.43
CA HIS B 35 -16.30 18.95 3.98
C HIS B 35 -17.62 18.81 3.23
N SER B 36 -18.58 18.11 3.82
CA SER B 36 -19.89 17.99 3.20
C SER B 36 -20.71 19.25 3.46
N LEU B 37 -20.31 19.98 4.49
CA LEU B 37 -20.89 21.30 4.78
C LEU B 37 -20.51 22.25 3.66
N VAL B 38 -19.25 22.19 3.24
CA VAL B 38 -18.74 23.02 2.16
C VAL B 38 -19.47 22.77 0.85
N THR B 39 -19.63 21.49 0.50
CA THR B 39 -20.27 21.10 -0.75
C THR B 39 -21.75 21.45 -0.78
N THR B 40 -22.42 21.32 0.36
CA THR B 40 -23.83 21.66 0.46
C THR B 40 -24.05 23.15 0.28
N VAL B 41 -23.18 23.95 0.90
CA VAL B 41 -23.25 25.40 0.77
C VAL B 41 -22.92 25.85 -0.65
N ALA B 42 -21.93 25.19 -1.26
CA ALA B 42 -21.54 25.49 -2.63
C ALA B 42 -22.69 25.21 -3.60
N ALA B 43 -23.45 24.16 -3.31
CA ALA B 43 -24.62 23.82 -4.12
C ALA B 43 -25.72 24.86 -3.93
N ALA B 44 -25.87 25.34 -2.70
CA ALA B 44 -26.89 26.32 -2.38
C ALA B 44 -26.61 27.68 -3.02
N ALA B 45 -25.33 27.96 -3.24
CA ALA B 45 -24.93 29.24 -3.83
C ALA B 45 -25.35 29.35 -5.29
N THR B 46 -25.54 28.20 -5.94
CA THR B 46 -25.96 28.17 -7.33
C THR B 46 -27.48 28.25 -7.44
N ALA B 47 -28.17 27.96 -6.35
CA ALA B 47 -29.63 27.88 -6.37
C ALA B 47 -30.30 29.16 -5.91
N SER B 48 -31.62 29.22 -6.09
CA SER B 48 -32.41 30.37 -5.67
C SER B 48 -33.39 29.97 -4.57
N ALA B 49 -33.14 28.83 -3.94
CA ALA B 49 -33.99 28.32 -2.88
C ALA B 49 -33.21 28.23 -1.57
N PRO B 50 -33.91 28.39 -0.43
CA PRO B 50 -33.26 28.25 0.87
C PRO B 50 -32.86 26.81 1.16
N VAL B 51 -31.69 26.63 1.76
CA VAL B 51 -31.22 25.30 2.14
C VAL B 51 -30.95 25.25 3.64
N ARG B 52 -31.75 24.45 4.34
CA ARG B 52 -31.59 24.30 5.78
C ARG B 52 -30.67 23.13 6.10
N ILE B 53 -29.57 23.42 6.78
CA ILE B 53 -28.55 22.42 7.07
C ILE B 53 -28.51 22.06 8.56
N GLU B 54 -29.05 20.89 8.90
CA GLU B 54 -29.04 20.42 10.28
C GLU B 54 -27.74 19.71 10.60
N ASN B 55 -27.47 19.54 11.89
CA ASN B 55 -26.20 18.99 12.36
C ASN B 55 -25.02 19.72 11.75
N CYS B 56 -25.08 21.04 11.74
CA CYS B 56 -24.02 21.85 11.17
C CYS B 56 -22.97 22.19 12.23
N PRO B 57 -21.70 21.89 11.93
CA PRO B 57 -20.60 22.13 12.87
C PRO B 57 -20.36 23.62 13.10
N ASP B 58 -20.08 23.99 14.35
CA ASP B 58 -19.77 25.37 14.69
C ASP B 58 -18.27 25.60 14.57
N ILE B 59 -17.79 25.75 13.34
CA ILE B 59 -16.37 25.94 13.08
C ILE B 59 -16.13 27.21 12.26
N VAL B 60 -14.87 27.43 11.90
CA VAL B 60 -14.47 28.61 11.14
C VAL B 60 -15.14 28.63 9.76
N GLU B 61 -15.19 27.46 9.13
CA GLU B 61 -15.76 27.32 7.78
C GLU B 61 -17.20 27.82 7.74
N THR B 62 -17.97 27.48 8.77
CA THR B 62 -19.37 27.88 8.85
C THR B 62 -19.52 29.38 9.00
N ALA B 63 -18.67 29.97 9.85
CA ALA B 63 -18.72 31.40 10.11
C ALA B 63 -18.36 32.22 8.87
N VAL B 64 -17.28 31.82 8.20
CA VAL B 64 -16.81 32.54 7.02
C VAL B 64 -17.79 32.43 5.85
N LEU B 65 -18.29 31.23 5.60
CA LEU B 65 -19.28 31.01 4.55
C LEU B 65 -20.53 31.86 4.77
N GLY B 66 -20.91 32.01 6.03
CA GLY B 66 -22.05 32.84 6.37
C GLY B 66 -21.80 34.30 6.07
N GLU B 67 -20.58 34.75 6.37
CA GLU B 67 -20.20 36.14 6.11
C GLU B 67 -20.06 36.41 4.61
N ILE B 68 -19.57 35.41 3.88
CA ILE B 68 -19.45 35.52 2.43
C ILE B 68 -20.81 35.67 1.77
N PHE B 69 -21.77 34.87 2.22
CA PHE B 69 -23.14 34.93 1.70
C PHE B 69 -23.75 36.30 1.94
N ARG B 70 -23.62 36.82 3.16
CA ARG B 70 -24.19 38.11 3.51
C ARG B 70 -23.48 39.26 2.80
N ALA B 71 -22.18 39.09 2.57
CA ALA B 71 -21.41 40.09 1.83
C ALA B 71 -21.78 40.06 0.35
N ALA B 72 -22.34 38.94 -0.08
CA ALA B 72 -22.75 38.77 -1.47
C ALA B 72 -24.18 39.28 -1.68
N GLY B 73 -24.81 39.74 -0.60
CA GLY B 73 -26.18 40.22 -0.67
C GLY B 73 -27.17 39.10 -0.45
N ALA B 74 -26.66 37.89 -0.23
CA ALA B 74 -27.51 36.72 0.00
C ALA B 74 -27.86 36.59 1.48
N HIS B 75 -28.46 35.46 1.84
CA HIS B 75 -28.88 35.22 3.21
C HIS B 75 -28.16 34.02 3.84
N ALA B 76 -27.76 34.17 5.10
CA ALA B 76 -27.11 33.10 5.84
C ALA B 76 -27.26 33.32 7.33
N HIS B 77 -27.71 32.29 8.04
CA HIS B 77 -27.90 32.39 9.48
C HIS B 77 -27.65 31.05 10.17
N TYR B 78 -26.80 31.07 11.19
CA TYR B 78 -26.50 29.87 11.95
C TYR B 78 -27.13 29.92 13.34
N ASP B 79 -27.97 28.94 13.65
CA ASP B 79 -28.59 28.84 14.96
C ASP B 79 -27.74 27.92 15.84
N GLY B 80 -26.95 28.51 16.73
CA GLY B 80 -26.04 27.76 17.57
C GLY B 80 -26.73 26.83 18.54
N ALA B 81 -27.89 27.23 19.03
CA ALA B 81 -28.66 26.43 19.98
C ALA B 81 -29.37 25.28 19.27
N ASP B 82 -29.34 25.31 17.95
CA ASP B 82 -30.06 24.33 17.14
C ASP B 82 -29.07 23.56 16.26
N GLU B 83 -27.86 24.11 16.14
CA GLU B 83 -26.84 23.59 15.23
C GLU B 83 -27.39 23.53 13.81
N THR B 84 -28.13 24.56 13.43
CA THR B 84 -28.77 24.64 12.12
C THR B 84 -28.25 25.82 11.33
N PHE B 85 -27.83 25.56 10.09
CA PHE B 85 -27.31 26.61 9.22
C PHE B 85 -28.22 26.75 8.00
N THR B 86 -28.93 27.86 7.93
CA THR B 86 -29.83 28.11 6.80
C THR B 86 -29.26 29.17 5.88
N VAL B 87 -29.11 28.82 4.61
CA VAL B 87 -28.59 29.76 3.62
C VAL B 87 -29.57 29.90 2.45
N ASP B 88 -29.52 31.05 1.78
CA ASP B 88 -30.37 31.32 0.63
C ASP B 88 -29.68 32.31 -0.30
N ALA B 89 -29.38 31.87 -1.52
CA ALA B 89 -28.65 32.70 -2.47
C ALA B 89 -29.58 33.29 -3.53
N SER B 90 -30.86 33.42 -3.20
CA SER B 90 -31.84 33.96 -4.13
C SER B 90 -31.56 35.43 -4.45
N ALA B 91 -31.06 36.16 -3.45
CA ALA B 91 -30.76 37.58 -3.62
C ALA B 91 -29.26 37.82 -3.81
N TRP B 92 -28.55 36.78 -4.24
CA TRP B 92 -27.11 36.89 -4.49
C TRP B 92 -26.87 37.92 -5.59
N ASP B 93 -25.93 38.83 -5.35
CA ASP B 93 -25.72 39.95 -6.26
C ASP B 93 -24.30 40.52 -6.22
N ARG B 94 -23.30 39.65 -6.27
CA ARG B 94 -21.91 40.11 -6.33
C ARG B 94 -21.09 39.27 -7.30
N ALA B 95 -20.30 39.94 -8.12
CA ALA B 95 -19.40 39.25 -9.05
C ALA B 95 -18.02 39.06 -8.43
N GLU B 96 -17.70 39.87 -7.43
CA GLU B 96 -16.44 39.76 -6.71
C GLU B 96 -16.67 39.80 -5.20
N LEU B 97 -16.05 38.86 -4.49
CA LEU B 97 -16.17 38.81 -3.05
C LEU B 97 -14.90 39.34 -2.40
N PRO B 98 -15.03 39.91 -1.19
CA PRO B 98 -13.89 40.45 -0.45
C PRO B 98 -12.76 39.43 -0.31
N ALA B 99 -11.58 39.82 -0.76
CA ALA B 99 -10.42 38.93 -0.86
C ALA B 99 -10.00 38.34 0.48
N ASP B 100 -9.98 39.18 1.51
CA ASP B 100 -9.57 38.74 2.84
C ASP B 100 -10.51 37.66 3.37
N LEU B 101 -11.80 37.83 3.09
CA LEU B 101 -12.82 36.89 3.56
C LEU B 101 -12.71 35.54 2.84
N VAL B 102 -12.58 35.60 1.52
CA VAL B 102 -12.47 34.40 0.70
C VAL B 102 -11.21 33.60 1.04
N GLY B 103 -10.11 34.32 1.24
CA GLY B 103 -8.83 33.68 1.50
C GLY B 103 -8.68 33.09 2.90
N ARG B 104 -9.71 33.22 3.72
CA ARG B 104 -9.68 32.70 5.08
C ARG B 104 -9.97 31.21 5.12
N ILE B 105 -10.75 30.72 4.16
CA ILE B 105 -11.09 29.30 4.09
C ILE B 105 -10.78 28.71 2.72
N HIS B 106 -10.72 27.38 2.66
CA HIS B 106 -10.46 26.67 1.42
C HIS B 106 -11.76 26.43 0.64
N GLY B 107 -12.85 26.30 1.38
CA GLY B 107 -14.15 25.98 0.79
C GLY B 107 -14.73 27.04 -0.11
N SER B 108 -14.15 28.24 -0.08
CA SER B 108 -14.61 29.34 -0.90
C SER B 108 -14.34 29.10 -2.39
N LEU B 109 -13.43 28.16 -2.66
CA LEU B 109 -13.05 27.84 -4.03
C LEU B 109 -14.18 27.19 -4.81
N TYR B 110 -15.10 26.54 -4.11
CA TYR B 110 -16.21 25.85 -4.75
C TYR B 110 -17.42 26.76 -4.93
N LEU B 111 -17.22 28.05 -4.70
CA LEU B 111 -18.25 29.05 -4.95
C LEU B 111 -18.10 29.59 -6.36
N LEU B 112 -17.01 29.23 -7.01
CA LEU B 112 -16.73 29.67 -8.39
C LEU B 112 -17.78 29.28 -9.43
N PRO B 113 -18.30 28.03 -9.37
CA PRO B 113 -19.37 27.69 -10.32
C PRO B 113 -20.60 28.58 -10.15
N ALA B 114 -20.87 29.00 -8.93
CA ALA B 114 -22.00 29.88 -8.66
C ALA B 114 -21.72 31.28 -9.20
N LEU B 115 -20.52 31.78 -8.95
CA LEU B 115 -20.12 33.10 -9.41
C LEU B 115 -20.10 33.20 -10.93
N VAL B 116 -19.63 32.13 -11.58
CA VAL B 116 -19.54 32.11 -13.03
C VAL B 116 -20.92 32.03 -13.68
N SER B 117 -21.78 31.15 -13.17
CA SER B 117 -23.09 30.94 -13.76
C SER B 117 -24.04 32.12 -13.54
N ARG B 118 -23.90 32.79 -12.40
CA ARG B 118 -24.79 33.90 -12.07
C ARG B 118 -24.37 35.22 -12.72
N ASN B 119 -23.06 35.44 -12.81
CA ASN B 119 -22.55 36.72 -13.28
C ASN B 119 -21.90 36.68 -14.66
N GLY B 120 -21.37 35.52 -15.04
CA GLY B 120 -20.68 35.38 -16.30
C GLY B 120 -19.21 35.73 -16.18
N VAL B 121 -18.89 36.56 -15.20
CA VAL B 121 -17.51 36.96 -14.93
C VAL B 121 -17.21 36.78 -13.45
N ALA B 122 -16.05 36.20 -13.14
CA ALA B 122 -15.65 35.98 -11.75
C ALA B 122 -14.14 36.09 -11.58
N ARG B 123 -13.71 36.68 -10.47
CA ARG B 123 -12.30 36.80 -10.17
C ARG B 123 -11.89 35.89 -9.02
N LEU B 124 -10.78 35.19 -9.20
CA LEU B 124 -10.25 34.30 -8.18
C LEU B 124 -9.16 35.01 -7.40
N SER B 125 -9.52 35.58 -6.26
CA SER B 125 -8.59 36.37 -5.45
C SER B 125 -7.42 35.55 -4.95
N ALA B 126 -6.23 36.13 -5.00
CA ALA B 126 -5.02 35.46 -4.56
C ALA B 126 -4.82 35.62 -3.05
N PRO B 140 -3.47 25.71 -4.77
CA PRO B 140 -3.65 24.80 -5.91
C PRO B 140 -5.08 24.84 -6.44
N ASP B 141 -5.24 25.18 -7.71
CA ASP B 141 -6.56 25.35 -8.30
C ASP B 141 -6.55 25.21 -9.82
N GLU B 142 -5.43 24.76 -10.37
CA GLU B 142 -5.33 24.54 -11.82
C GLU B 142 -6.37 23.54 -12.28
N HIS B 143 -6.55 22.48 -11.49
CA HIS B 143 -7.51 21.45 -11.82
C HIS B 143 -8.93 21.99 -11.82
N LEU B 144 -9.22 22.89 -10.88
CA LEU B 144 -10.54 23.51 -10.80
C LEU B 144 -10.80 24.38 -12.02
N LEU B 145 -9.78 25.14 -12.43
CA LEU B 145 -9.87 25.98 -13.61
C LEU B 145 -9.94 25.12 -14.87
N ASP B 146 -9.28 23.97 -14.84
CA ASP B 146 -9.28 23.05 -15.96
C ASP B 146 -10.65 22.42 -16.15
N VAL B 147 -11.31 22.10 -15.02
CA VAL B 147 -12.64 21.51 -15.06
C VAL B 147 -13.66 22.49 -15.64
N MET B 148 -13.67 23.71 -15.11
CA MET B 148 -14.57 24.73 -15.60
C MET B 148 -14.26 25.09 -17.05
N GLY B 149 -13.01 24.89 -17.45
CA GLY B 149 -12.60 25.11 -18.83
C GLY B 149 -13.27 24.16 -19.80
N ARG B 150 -13.62 22.98 -19.30
CA ARG B 150 -14.31 21.97 -20.12
C ARG B 150 -15.73 22.42 -20.44
N PHE B 151 -16.28 23.29 -19.59
CA PHE B 151 -17.64 23.77 -19.77
C PHE B 151 -17.69 25.06 -20.57
N GLY B 152 -16.53 25.51 -21.04
CA GLY B 152 -16.45 26.70 -21.87
C GLY B 152 -16.08 27.97 -21.13
N VAL B 153 -15.59 27.82 -19.90
CA VAL B 153 -15.17 28.98 -19.12
C VAL B 153 -13.73 29.39 -19.47
N THR B 154 -13.57 30.66 -19.83
CA THR B 154 -12.27 31.17 -20.24
C THR B 154 -11.45 31.62 -19.03
N THR B 155 -10.17 31.29 -19.04
CA THR B 155 -9.25 31.66 -17.98
C THR B 155 -8.43 32.88 -18.37
N ARG B 156 -8.45 33.90 -17.52
CA ARG B 156 -7.79 35.16 -17.80
C ARG B 156 -6.95 35.62 -16.61
N LEU B 157 -5.63 35.59 -16.76
CA LEU B 157 -4.71 35.87 -15.66
C LEU B 157 -4.04 37.24 -15.81
N THR B 158 -4.41 38.17 -14.94
CA THR B 158 -3.86 39.53 -14.98
C THR B 158 -2.97 39.83 -13.78
N ALA B 159 -1.86 39.10 -13.67
CA ALA B 159 -0.91 39.26 -12.57
C ALA B 159 -1.54 39.06 -11.19
N ASP B 160 -0.91 39.63 -10.16
CA ASP B 160 -1.40 39.57 -8.78
C ASP B 160 -1.52 38.15 -8.21
N GLY B 161 -1.32 37.14 -9.04
CA GLY B 161 -1.58 35.77 -8.65
C GLY B 161 -3.05 35.45 -8.67
N SER B 162 -3.85 36.40 -9.13
CA SER B 162 -5.30 36.24 -9.20
C SER B 162 -5.75 35.93 -10.63
N VAL B 163 -6.87 35.21 -10.75
CA VAL B 163 -7.36 34.77 -12.04
C VAL B 163 -8.78 35.25 -12.30
N ASP B 164 -9.06 35.66 -13.54
CA ASP B 164 -10.40 36.05 -13.93
C ASP B 164 -11.08 34.93 -14.73
N LEU B 165 -12.33 34.63 -14.37
CA LEU B 165 -13.11 33.59 -15.04
C LEU B 165 -14.18 34.24 -15.92
N THR B 166 -14.24 33.82 -17.18
CA THR B 166 -15.19 34.40 -18.13
C THR B 166 -15.95 33.30 -18.86
N ALA B 167 -17.27 33.48 -18.98
CA ALA B 167 -18.09 32.50 -19.68
C ALA B 167 -19.38 33.14 -20.19
N GLN B 168 -19.46 33.33 -21.51
CA GLN B 168 -20.66 33.91 -22.10
C GLN B 168 -21.80 32.90 -22.06
N ARG B 169 -21.45 31.62 -22.14
CA ARG B 169 -22.43 30.55 -22.03
C ARG B 169 -21.74 29.26 -21.59
N LEU B 170 -22.48 28.40 -20.91
CA LEU B 170 -21.94 27.13 -20.43
C LEU B 170 -22.40 25.98 -21.31
N THR B 171 -21.46 25.10 -21.66
CA THR B 171 -21.76 23.96 -22.52
C THR B 171 -21.47 22.65 -21.79
N PRO B 172 -22.33 21.64 -22.00
CA PRO B 172 -22.15 20.33 -21.38
C PRO B 172 -20.93 19.60 -21.94
N CYS B 173 -20.44 18.59 -21.22
CA CYS B 173 -19.26 17.86 -21.65
C CYS B 173 -19.18 16.48 -21.01
N THR B 174 -18.26 15.66 -21.49
CA THR B 174 -18.00 14.35 -20.91
C THR B 174 -16.59 14.32 -20.34
N ILE B 175 -16.49 14.21 -19.03
CA ILE B 175 -15.20 14.22 -18.36
C ILE B 175 -14.92 12.89 -17.65
N ASP B 176 -13.73 12.34 -17.90
CA ASP B 176 -13.25 11.22 -17.12
C ASP B 176 -12.42 11.77 -15.97
N MET B 177 -12.91 11.60 -14.76
CA MET B 177 -12.30 12.23 -13.59
C MET B 177 -10.92 11.66 -13.23
N LEU B 178 -10.50 10.63 -13.96
CA LEU B 178 -9.16 10.05 -13.77
C LEU B 178 -8.08 10.97 -14.33
N ASP B 179 -8.50 11.98 -15.08
CA ASP B 179 -7.58 12.98 -15.61
C ASP B 179 -7.05 13.85 -14.47
N TYR B 180 -7.72 13.81 -13.34
CA TYR B 180 -7.36 14.63 -12.19
C TYR B 180 -6.84 13.78 -11.03
N THR B 181 -6.29 12.62 -11.35
CA THR B 181 -5.65 11.77 -10.36
C THR B 181 -4.15 11.64 -10.66
N ARG B 182 -3.36 11.38 -9.63
CA ARG B 182 -1.93 11.16 -9.82
C ARG B 182 -1.69 9.77 -10.39
N ASN B 183 -2.33 8.77 -9.79
CA ASN B 183 -2.26 7.40 -10.27
C ASN B 183 -3.64 6.91 -10.71
N LYS B 184 -3.78 6.62 -12.01
CA LYS B 184 -5.06 6.27 -12.59
C LYS B 184 -5.55 4.87 -12.22
N ALA B 185 -4.61 3.96 -11.95
CA ALA B 185 -4.96 2.62 -11.51
C ALA B 185 -5.48 2.67 -10.08
N LEU B 186 -4.78 3.42 -9.23
CA LEU B 186 -5.16 3.55 -7.84
C LEU B 186 -6.35 4.49 -7.69
N MET B 187 -6.56 5.32 -8.71
CA MET B 187 -7.63 6.31 -8.73
C MET B 187 -7.52 7.25 -7.53
N SER B 188 -6.34 7.83 -7.37
CA SER B 188 -6.06 8.70 -6.22
C SER B 188 -5.23 9.92 -6.61
N GLY B 189 -5.43 11.01 -5.89
CA GLY B 189 -4.71 12.25 -6.16
C GLY B 189 -5.30 13.42 -5.40
N PRO B 190 -4.50 14.49 -5.22
CA PRO B 190 -4.93 15.68 -4.49
C PRO B 190 -5.93 16.52 -5.26
N CYS B 191 -6.00 16.33 -6.58
CA CYS B 191 -6.90 17.12 -7.43
C CYS B 191 -8.17 16.36 -7.75
N TYR B 192 -8.23 15.11 -7.33
CA TYR B 192 -9.36 14.22 -7.64
C TYR B 192 -10.67 14.73 -7.05
N SER B 193 -10.68 14.91 -5.73
CA SER B 193 -11.89 15.29 -5.01
C SER B 193 -12.48 16.62 -5.47
N GLY B 194 -11.64 17.65 -5.56
CA GLY B 194 -12.08 18.98 -5.93
C GLY B 194 -12.63 19.06 -7.34
N ALA B 195 -12.01 18.32 -8.26
CA ALA B 195 -12.44 18.30 -9.65
C ALA B 195 -13.85 17.73 -9.80
N VAL B 196 -14.13 16.68 -9.04
CA VAL B 196 -15.44 16.03 -9.08
C VAL B 196 -16.52 16.96 -8.56
N LYS B 197 -16.23 17.65 -7.46
CA LYS B 197 -17.17 18.58 -6.85
C LYS B 197 -17.48 19.74 -7.78
N THR B 198 -16.44 20.29 -8.41
CA THR B 198 -16.59 21.40 -9.34
C THR B 198 -17.41 20.98 -10.57
N ALA B 199 -17.07 19.83 -11.13
CA ALA B 199 -17.74 19.33 -12.32
C ALA B 199 -19.25 19.14 -12.11
N LEU B 200 -19.61 18.60 -10.96
CA LEU B 200 -21.02 18.40 -10.62
C LEU B 200 -21.76 19.73 -10.51
N LEU B 201 -21.13 20.71 -9.88
CA LEU B 201 -21.73 22.03 -9.74
C LEU B 201 -21.91 22.69 -11.10
N MET B 202 -20.89 22.59 -11.95
CA MET B 202 -20.94 23.16 -13.29
C MET B 202 -22.01 22.49 -14.15
N GLY B 203 -22.12 21.17 -14.03
CA GLY B 203 -23.11 20.42 -14.78
C GLY B 203 -24.53 20.76 -14.41
N ALA B 204 -24.72 21.12 -13.14
CA ALA B 204 -26.05 21.45 -12.63
C ALA B 204 -26.52 22.82 -13.10
N VAL B 205 -25.58 23.73 -13.35
CA VAL B 205 -25.91 25.07 -13.79
C VAL B 205 -25.74 25.21 -15.31
N THR B 206 -25.59 24.08 -15.98
CA THR B 206 -25.39 24.06 -17.43
C THR B 206 -26.57 23.38 -18.13
N HIS B 207 -27.00 23.95 -19.24
CA HIS B 207 -28.03 23.33 -20.07
C HIS B 207 -27.43 22.23 -20.93
N GLY B 208 -27.93 21.00 -20.76
CA GLY B 208 -27.44 19.88 -21.53
C GLY B 208 -27.01 18.71 -20.68
N THR B 209 -26.53 17.65 -21.32
CA THR B 209 -26.16 16.43 -20.62
C THR B 209 -24.66 16.35 -20.35
N THR B 210 -24.30 16.43 -19.08
CA THR B 210 -22.91 16.29 -18.66
C THR B 210 -22.67 14.90 -18.07
N THR B 211 -21.65 14.21 -18.57
CA THR B 211 -21.33 12.86 -18.11
C THR B 211 -19.99 12.82 -17.37
N LEU B 212 -20.03 12.42 -16.11
CA LEU B 212 -18.83 12.31 -15.30
C LEU B 212 -18.46 10.84 -15.08
N GLN B 213 -17.21 10.49 -15.36
CA GLN B 213 -16.77 9.11 -15.24
C GLN B 213 -15.71 8.92 -14.17
N HIS B 214 -15.80 7.80 -13.46
CA HIS B 214 -14.92 7.50 -12.32
C HIS B 214 -14.90 8.62 -11.28
N PRO B 215 -16.06 8.90 -10.67
CA PRO B 215 -16.14 10.04 -9.75
C PRO B 215 -15.71 9.69 -8.34
N TYR B 216 -15.37 10.72 -7.56
CA TYR B 216 -15.05 10.58 -6.15
C TYR B 216 -16.29 10.06 -5.44
N LEU B 217 -16.12 9.19 -4.45
CA LEU B 217 -17.23 8.43 -3.91
C LEU B 217 -17.58 8.70 -2.44
N LYS B 218 -16.72 9.44 -1.74
CA LYS B 218 -16.96 9.73 -0.32
C LYS B 218 -18.17 10.67 -0.15
N PRO B 219 -18.74 10.72 1.07
CA PRO B 219 -19.91 11.58 1.35
C PRO B 219 -19.69 13.04 0.98
N ASP B 220 -18.43 13.43 0.79
CA ASP B 220 -18.10 14.74 0.26
C ASP B 220 -18.92 15.04 -0.97
N VAL B 221 -18.90 14.10 -1.91
CA VAL B 221 -19.54 14.25 -3.19
C VAL B 221 -20.95 13.67 -3.16
N THR B 222 -21.09 12.53 -2.49
CA THR B 222 -22.37 11.84 -2.38
C THR B 222 -23.49 12.71 -1.81
N ASP B 223 -23.20 13.41 -0.73
CA ASP B 223 -24.20 14.26 -0.09
C ASP B 223 -24.51 15.51 -0.91
N MET B 224 -23.54 15.96 -1.69
CA MET B 224 -23.76 17.11 -2.57
C MET B 224 -24.76 16.73 -3.67
N VAL B 225 -24.65 15.50 -4.14
CA VAL B 225 -25.57 14.98 -5.16
C VAL B 225 -27.00 14.97 -4.64
N THR B 226 -27.17 14.55 -3.40
CA THR B 226 -28.48 14.50 -2.76
C THR B 226 -29.08 15.90 -2.65
N VAL B 227 -28.25 16.87 -2.28
CA VAL B 227 -28.69 18.26 -2.15
C VAL B 227 -29.08 18.83 -3.51
N LEU B 228 -28.26 18.60 -4.51
CA LEU B 228 -28.53 19.07 -5.87
C LEU B 228 -29.82 18.49 -6.42
N ARG B 229 -30.05 17.21 -6.16
CA ARG B 229 -31.29 16.54 -6.57
C ARG B 229 -32.50 17.20 -5.91
N ASP B 230 -32.38 17.51 -4.63
CA ASP B 230 -33.47 18.14 -3.89
C ASP B 230 -33.70 19.57 -4.36
N LEU B 231 -32.65 20.22 -4.84
CA LEU B 231 -32.77 21.57 -5.39
C LEU B 231 -33.56 21.57 -6.69
N GLY B 232 -33.48 20.48 -7.43
CA GLY B 232 -34.22 20.34 -8.67
C GLY B 232 -33.38 19.84 -9.83
N ALA B 233 -32.14 19.46 -9.55
CA ALA B 233 -31.25 18.93 -10.57
C ALA B 233 -31.52 17.45 -10.83
N ASP B 234 -31.36 17.03 -12.08
CA ASP B 234 -31.55 15.63 -12.45
C ASP B 234 -30.20 14.94 -12.61
N ILE B 235 -29.77 14.23 -11.58
CA ILE B 235 -28.51 13.51 -11.60
C ILE B 235 -28.75 12.00 -11.58
N GLU B 236 -28.28 11.32 -12.63
CA GLU B 236 -28.52 9.89 -12.79
C GLU B 236 -27.25 9.08 -12.56
N PHE B 237 -27.35 8.04 -11.73
CA PHE B 237 -26.26 7.09 -11.56
C PHE B 237 -26.39 5.99 -12.60
N ALA B 238 -26.03 6.30 -13.84
CA ALA B 238 -26.17 5.37 -14.95
C ALA B 238 -25.39 4.07 -14.71
N GLY B 239 -24.22 4.20 -14.11
CA GLY B 239 -23.39 3.04 -13.79
C GLY B 239 -22.61 3.28 -12.51
N PRO B 240 -21.85 2.27 -12.08
CA PRO B 240 -21.01 2.39 -10.88
C PRO B 240 -19.94 3.47 -11.05
N GLU B 241 -19.53 3.70 -12.31
CA GLU B 241 -18.48 4.67 -12.59
C GLU B 241 -18.95 5.72 -13.58
N THR B 242 -20.26 5.86 -13.73
CA THR B 242 -20.82 6.80 -14.69
C THR B 242 -21.97 7.61 -14.10
N TRP B 243 -21.76 8.91 -13.94
CA TRP B 243 -22.79 9.81 -13.44
C TRP B 243 -23.23 10.76 -14.55
N VAL B 244 -24.53 10.78 -14.82
CA VAL B 244 -25.07 11.62 -15.88
C VAL B 244 -25.89 12.78 -15.32
N ILE B 245 -25.51 13.99 -15.69
CA ILE B 245 -26.19 15.18 -15.21
C ILE B 245 -27.03 15.81 -16.33
N HIS B 246 -28.36 15.64 -16.22
CA HIS B 246 -29.27 16.26 -17.17
C HIS B 246 -29.57 17.68 -16.72
N GLY B 247 -28.64 18.59 -17.03
CA GLY B 247 -28.73 19.95 -16.54
C GLY B 247 -29.79 20.80 -17.24
N ARG B 248 -30.47 21.62 -16.44
CA ARG B 248 -31.48 22.52 -16.97
C ARG B 248 -31.21 23.96 -16.52
N GLY B 249 -29.95 24.25 -16.25
CA GLY B 249 -29.54 25.59 -15.85
C GLY B 249 -29.86 25.92 -14.41
N PRO B 250 -29.46 27.13 -13.97
CA PRO B 250 -29.68 27.59 -12.60
C PRO B 250 -31.15 27.76 -12.26
N GLU B 251 -31.98 27.95 -13.27
CA GLU B 251 -33.41 28.19 -13.06
C GLU B 251 -34.14 26.94 -12.58
N SER B 252 -33.53 25.78 -12.78
CA SER B 252 -34.14 24.52 -12.35
C SER B 252 -33.88 24.25 -10.87
N LEU B 253 -32.96 25.01 -10.28
CA LEU B 253 -32.60 24.85 -8.88
C LEU B 253 -33.39 25.83 -8.02
N HIS B 254 -34.67 25.55 -7.82
CA HIS B 254 -35.56 26.47 -7.11
C HIS B 254 -36.34 25.81 -5.98
N ARG B 255 -36.09 24.53 -5.74
CA ARG B 255 -36.81 23.78 -4.71
C ARG B 255 -36.10 23.85 -3.36
N PRO B 256 -36.86 24.22 -2.31
CA PRO B 256 -36.31 24.33 -0.95
C PRO B 256 -35.80 22.99 -0.42
N VAL B 257 -34.72 23.03 0.34
CA VAL B 257 -34.03 21.81 0.77
C VAL B 257 -33.84 21.75 2.29
N ASP B 258 -34.09 20.58 2.86
CA ASP B 258 -33.82 20.32 4.27
C ASP B 258 -32.92 19.10 4.39
N VAL B 259 -31.70 19.29 4.87
CA VAL B 259 -30.72 18.21 4.92
C VAL B 259 -30.01 18.14 6.27
N THR B 260 -29.74 16.92 6.73
CA THR B 260 -28.98 16.71 7.96
C THR B 260 -27.61 16.14 7.61
N LEU B 261 -26.55 16.87 7.99
CA LEU B 261 -25.19 16.46 7.66
C LEU B 261 -24.78 15.15 8.33
N ILE B 262 -23.95 14.39 7.63
CA ILE B 262 -23.36 13.18 8.18
C ILE B 262 -22.34 13.60 9.24
N PRO B 263 -22.25 12.85 10.34
CA PRO B 263 -21.25 13.14 11.37
C PRO B 263 -19.84 13.22 10.78
N ASP B 264 -19.01 14.12 11.32
CA ASP B 264 -17.68 14.35 10.78
C ASP B 264 -16.83 13.08 10.83
N LEU B 265 -16.45 12.60 9.65
CA LEU B 265 -15.73 11.33 9.51
C LEU B 265 -14.41 11.32 10.28
N ILE B 266 -13.67 12.42 10.20
CA ILE B 266 -12.37 12.50 10.85
C ILE B 266 -12.51 12.71 12.36
N GLU B 267 -13.54 13.44 12.77
CA GLU B 267 -13.81 13.65 14.19
C GLU B 267 -14.11 12.32 14.87
N VAL B 268 -14.84 11.45 14.17
CA VAL B 268 -15.12 10.12 14.67
C VAL B 268 -13.82 9.34 14.85
N VAL B 269 -12.94 9.41 13.86
CA VAL B 269 -11.64 8.78 13.92
C VAL B 269 -10.84 9.33 15.09
N THR B 270 -10.92 10.65 15.29
CA THR B 270 -10.21 11.33 16.36
C THR B 270 -10.64 10.82 17.73
N TRP B 271 -11.95 10.65 17.91
CA TRP B 271 -12.48 10.21 19.20
C TRP B 271 -12.23 8.73 19.47
N ILE B 272 -12.24 7.92 18.43
CA ILE B 272 -11.91 6.51 18.56
C ILE B 272 -10.48 6.37 19.04
N CYS B 273 -9.59 7.13 18.42
CA CYS B 273 -8.18 7.17 18.81
C CYS B 273 -8.03 7.63 20.25
N ALA B 274 -8.84 8.62 20.64
CA ALA B 274 -8.81 9.15 21.99
C ALA B 274 -9.32 8.14 23.01
N GLY B 275 -10.42 7.48 22.68
CA GLY B 275 -11.02 6.49 23.56
C GLY B 275 -10.13 5.28 23.80
N VAL B 276 -9.51 4.79 22.73
CA VAL B 276 -8.66 3.62 22.80
C VAL B 276 -7.40 3.86 23.65
N LEU B 277 -6.85 5.06 23.55
CA LEU B 277 -5.56 5.36 24.17
C LEU B 277 -5.64 6.14 25.48
N LEU B 278 -6.69 6.92 25.68
CA LEU B 278 -6.75 7.83 26.82
C LEU B 278 -7.86 7.51 27.83
N ALA B 279 -8.83 6.70 27.43
CA ALA B 279 -9.96 6.39 28.31
C ALA B 279 -9.74 5.11 29.10
N ASP B 280 -10.41 5.02 30.25
CA ASP B 280 -10.38 3.83 31.09
C ASP B 280 -11.62 2.99 30.81
N GLU B 281 -12.75 3.67 30.65
CA GLU B 281 -14.01 3.03 30.35
C GLU B 281 -14.35 3.31 28.88
N PRO B 282 -15.12 2.40 28.25
CA PRO B 282 -15.55 2.56 26.86
C PRO B 282 -16.12 3.95 26.58
N LEU B 283 -15.54 4.65 25.61
CA LEU B 283 -15.96 6.00 25.27
C LEU B 283 -17.11 6.00 24.28
N ARG B 284 -18.26 6.52 24.70
CA ARG B 284 -19.44 6.57 23.84
C ARG B 284 -19.39 7.81 22.95
N ILE B 285 -19.51 7.59 21.64
CA ILE B 285 -19.42 8.68 20.68
C ILE B 285 -20.72 8.78 19.88
N THR B 286 -21.47 9.86 20.09
CA THR B 286 -22.80 9.98 19.48
C THR B 286 -22.82 10.88 18.25
N GLY B 287 -23.91 10.79 17.49
CA GLY B 287 -24.09 11.58 16.30
C GLY B 287 -25.24 11.04 15.47
N PRO B 288 -26.07 11.94 14.91
CA PRO B 288 -27.24 11.53 14.11
C PRO B 288 -26.84 10.75 12.86
N GLY B 289 -27.17 9.47 12.83
CA GLY B 289 -26.85 8.62 11.70
C GLY B 289 -25.36 8.37 11.57
N ILE B 290 -24.70 8.16 12.70
CA ILE B 290 -23.25 7.96 12.72
C ILE B 290 -22.88 6.60 12.14
N ASP B 291 -23.86 5.70 12.04
CA ASP B 291 -23.63 4.39 11.43
C ASP B 291 -23.32 4.55 9.96
N ARG B 292 -23.83 5.63 9.37
CA ARG B 292 -23.58 5.96 7.97
C ARG B 292 -22.18 6.55 7.82
N ALA B 293 -21.71 7.21 8.87
CA ALA B 293 -20.35 7.73 8.90
C ALA B 293 -19.35 6.58 9.02
N VAL B 294 -19.72 5.57 9.80
CA VAL B 294 -18.89 4.39 9.98
C VAL B 294 -18.75 3.62 8.66
N HIS B 295 -19.87 3.49 7.94
CA HIS B 295 -19.88 2.80 6.66
C HIS B 295 -18.96 3.50 5.65
N ALA B 296 -18.90 4.83 5.74
CA ALA B 296 -18.02 5.61 4.87
C ALA B 296 -16.57 5.47 5.32
N LEU B 297 -16.39 5.14 6.60
CA LEU B 297 -15.06 4.93 7.16
C LEU B 297 -14.65 3.46 7.10
N ALA B 298 -15.27 2.72 6.18
CA ALA B 298 -14.97 1.30 6.01
C ALA B 298 -13.48 0.95 5.84
N PRO B 299 -12.74 1.76 5.04
CA PRO B 299 -11.29 1.49 4.99
C PRO B 299 -10.62 1.64 6.36
N GLU B 300 -10.96 2.71 7.08
CA GLU B 300 -10.40 2.95 8.40
C GLU B 300 -10.80 1.85 9.39
N PHE B 301 -12.06 1.46 9.37
CA PHE B 301 -12.57 0.44 10.29
C PHE B 301 -12.00 -0.94 10.00
N ASP B 302 -11.63 -1.18 8.75
CA ASP B 302 -10.97 -2.42 8.38
C ASP B 302 -9.60 -2.48 9.06
N LEU B 303 -8.91 -1.35 9.08
CA LEU B 303 -7.62 -1.25 9.73
C LEU B 303 -7.74 -1.41 11.24
N LEU B 304 -8.75 -0.75 11.82
CA LEU B 304 -9.01 -0.84 13.26
C LEU B 304 -9.23 -2.29 13.68
N ASP B 305 -9.97 -3.04 12.87
CA ASP B 305 -10.22 -4.45 13.11
C ASP B 305 -8.93 -5.26 12.96
N ARG B 306 -8.09 -4.87 12.01
CA ARG B 306 -6.84 -5.55 11.75
C ARG B 306 -5.79 -5.25 12.83
N MET B 307 -5.93 -4.09 13.46
CA MET B 307 -5.00 -3.69 14.52
C MET B 307 -5.41 -4.29 15.87
N GLY B 308 -6.68 -4.66 15.99
CA GLY B 308 -7.19 -5.24 17.22
C GLY B 308 -8.00 -4.25 18.03
N VAL B 309 -8.37 -3.14 17.40
CA VAL B 309 -9.18 -2.12 18.04
C VAL B 309 -10.66 -2.51 18.03
N ARG B 310 -11.29 -2.47 19.20
CA ARG B 310 -12.70 -2.81 19.31
C ARG B 310 -13.60 -1.59 19.32
N VAL B 311 -14.54 -1.53 18.38
CA VAL B 311 -15.52 -0.45 18.34
C VAL B 311 -16.92 -1.00 18.15
N ASP B 312 -17.81 -0.74 19.11
CA ASP B 312 -19.21 -1.12 18.99
C ASP B 312 -19.95 -0.09 18.16
N VAL B 313 -20.69 -0.55 17.15
CA VAL B 313 -21.37 0.36 16.24
C VAL B 313 -22.89 0.29 16.35
N GLY B 314 -23.50 1.43 16.64
CA GLY B 314 -24.95 1.54 16.68
C GLY B 314 -25.46 2.50 15.63
N ALA B 315 -26.74 2.83 15.68
CA ALA B 315 -27.34 3.73 14.69
C ALA B 315 -26.90 5.18 14.90
N ASP B 316 -26.99 5.65 16.14
CA ASP B 316 -26.66 7.04 16.45
C ASP B 316 -25.48 7.16 17.42
N GLU B 317 -24.80 6.04 17.68
CA GLU B 317 -23.64 6.07 18.56
C GLU B 317 -22.64 4.95 18.27
N VAL B 318 -21.37 5.25 18.47
CA VAL B 318 -20.32 4.22 18.41
C VAL B 318 -19.54 4.25 19.71
N THR B 319 -19.02 3.09 20.11
CA THR B 319 -18.33 2.98 21.39
C THR B 319 -16.92 2.42 21.23
N ALA B 320 -15.92 3.25 21.50
CA ALA B 320 -14.52 2.84 21.39
C ALA B 320 -14.00 2.32 22.71
N HIS B 321 -13.43 1.11 22.68
CA HIS B 321 -12.93 0.48 23.89
C HIS B 321 -11.44 0.74 24.10
N PRO B 322 -11.04 0.96 25.36
CA PRO B 322 -9.64 1.19 25.73
C PRO B 322 -8.77 -0.02 25.43
N LEU B 323 -7.47 0.18 25.34
CA LEU B 323 -6.54 -0.92 25.10
C LEU B 323 -6.59 -1.95 26.21
N THR B 324 -6.56 -3.22 25.83
CA THR B 324 -6.51 -4.32 26.79
C THR B 324 -5.26 -5.15 26.55
N LYS B 325 -4.57 -4.86 25.45
CA LYS B 325 -3.37 -5.56 25.05
C LYS B 325 -2.76 -4.86 23.84
N PRO B 326 -1.46 -5.11 23.55
CA PRO B 326 -0.80 -4.48 22.40
C PRO B 326 -1.57 -4.67 21.11
N LEU B 327 -1.59 -3.62 20.28
CA LEU B 327 -2.24 -3.70 18.98
C LEU B 327 -1.38 -4.45 17.97
N ARG B 328 -1.93 -4.68 16.79
CA ARG B 328 -1.20 -5.36 15.73
C ARG B 328 -0.82 -4.39 14.62
N PRO B 329 0.44 -4.48 14.14
CA PRO B 329 0.95 -3.59 13.11
C PRO B 329 0.26 -3.82 11.77
N VAL B 330 0.08 -2.76 10.99
CA VAL B 330 -0.58 -2.87 9.70
C VAL B 330 0.20 -2.16 8.60
N GLU B 331 -0.13 -2.51 7.36
CA GLU B 331 0.46 -1.89 6.19
C GLU B 331 -0.67 -1.43 5.28
N PHE B 332 -0.73 -0.13 5.00
CA PHE B 332 -1.79 0.41 4.17
C PHE B 332 -1.37 1.66 3.41
N THR B 333 -2.25 2.09 2.51
CA THR B 333 -2.01 3.30 1.72
C THR B 333 -3.19 4.25 1.83
N ALA B 334 -2.93 5.48 2.27
CA ALA B 334 -3.97 6.50 2.33
C ALA B 334 -4.25 7.00 0.92
N MET B 335 -5.45 6.70 0.42
CA MET B 335 -5.81 7.03 -0.96
C MET B 335 -7.23 7.57 -1.07
N SER B 336 -7.55 8.09 -2.25
CA SER B 336 -8.84 8.74 -2.49
C SER B 336 -10.02 7.80 -2.33
N ARG B 337 -9.90 6.60 -2.89
CA ARG B 337 -10.95 5.60 -2.76
C ARG B 337 -10.65 4.60 -1.65
N GLY B 338 -9.95 5.08 -0.63
CA GLY B 338 -9.60 4.26 0.51
C GLY B 338 -9.53 5.07 1.80
N VAL B 339 -8.48 4.83 2.56
CA VAL B 339 -8.28 5.54 3.83
C VAL B 339 -8.04 7.02 3.61
N PHE B 340 -8.76 7.86 4.33
CA PHE B 340 -8.60 9.30 4.26
C PHE B 340 -7.18 9.74 4.61
N SER B 341 -6.71 10.80 3.97
CA SER B 341 -5.40 11.35 4.29
C SER B 341 -5.42 11.99 5.67
N ASP B 342 -6.59 12.47 6.09
CA ASP B 342 -6.75 13.08 7.40
C ASP B 342 -6.80 12.03 8.51
N SER B 343 -6.93 10.76 8.12
CA SER B 343 -7.07 9.68 9.09
C SER B 343 -5.72 9.10 9.54
N GLN B 344 -4.75 9.06 8.63
CA GLN B 344 -3.46 8.42 8.90
C GLN B 344 -2.61 8.91 10.09
N PRO B 345 -2.67 10.22 10.42
CA PRO B 345 -1.89 10.62 11.60
C PRO B 345 -2.37 9.94 12.88
N PHE B 346 -3.68 9.75 13.00
CA PHE B 346 -4.24 9.08 14.17
C PHE B 346 -3.93 7.59 14.14
N LEU B 347 -3.84 7.04 12.94
CA LEU B 347 -3.49 5.64 12.76
C LEU B 347 -2.00 5.42 13.02
N ALA B 348 -1.23 6.49 12.84
CA ALA B 348 0.20 6.44 13.13
C ALA B 348 0.42 6.39 14.65
N LEU B 349 -0.39 7.15 15.38
CA LEU B 349 -0.32 7.17 16.82
C LEU B 349 -0.72 5.82 17.40
N LEU B 350 -1.73 5.20 16.78
CA LEU B 350 -2.17 3.87 17.17
C LEU B 350 -1.09 2.84 16.86
N GLY B 351 -0.32 3.11 15.81
CA GLY B 351 0.76 2.22 15.41
C GLY B 351 1.87 2.17 16.44
N ALA B 352 1.96 3.22 17.26
CA ALA B 352 2.97 3.29 18.31
C ALA B 352 2.66 2.32 19.45
N TYR B 353 1.40 1.87 19.49
CA TYR B 353 0.98 0.92 20.52
C TYR B 353 0.88 -0.50 19.95
N ALA B 354 1.22 -0.64 18.68
CA ALA B 354 1.23 -1.95 18.03
C ALA B 354 2.59 -2.62 18.20
N GLU B 355 2.62 -3.95 18.08
CA GLU B 355 3.87 -4.70 18.19
C GLU B 355 4.48 -4.96 16.83
N GLY B 356 5.37 -4.08 16.40
CA GLY B 356 6.02 -4.22 15.11
C GLY B 356 5.93 -2.95 14.28
N PRO B 357 6.43 -3.01 13.04
CA PRO B 357 6.44 -1.85 12.14
C PRO B 357 5.10 -1.60 11.45
N THR B 358 4.60 -0.38 11.55
CA THR B 358 3.41 0.03 10.81
C THR B 358 3.81 0.89 9.63
N TYR B 359 3.47 0.45 8.42
CA TYR B 359 3.84 1.16 7.21
C TYR B 359 2.68 1.99 6.68
N ILE B 360 2.92 3.29 6.52
CA ILE B 360 1.88 4.20 6.03
C ILE B 360 2.35 4.94 4.78
N ARG B 361 1.68 4.66 3.67
CA ARG B 361 1.98 5.36 2.42
C ARG B 361 0.90 6.38 2.08
N GLU B 362 1.34 7.59 1.74
CA GLU B 362 0.42 8.66 1.39
C GLU B 362 0.29 8.78 -0.13
N ALA B 363 -0.92 8.62 -0.64
CA ALA B 363 -1.15 8.67 -2.08
C ALA B 363 -2.10 9.81 -2.46
N VAL B 364 -2.22 10.81 -1.59
CA VAL B 364 -3.02 11.98 -1.88
C VAL B 364 -2.20 13.26 -1.72
N TRP B 365 -1.76 13.53 -0.49
CA TRP B 365 -0.93 14.69 -0.21
C TRP B 365 0.50 14.25 0.15
N GLU B 366 1.30 14.01 -0.89
CA GLU B 366 2.65 13.43 -0.79
C GLU B 366 3.42 13.72 0.49
N HIS B 367 3.72 14.99 0.74
CA HIS B 367 4.50 15.36 1.93
C HIS B 367 3.61 15.82 3.08
N ARG B 368 3.01 14.86 3.77
CA ARG B 368 2.09 15.16 4.86
C ARG B 368 2.43 14.35 6.12
N PHE B 369 3.69 14.42 6.53
CA PHE B 369 4.12 13.77 7.76
C PHE B 369 4.83 14.75 8.66
N GLY B 370 4.30 15.98 8.71
CA GLY B 370 4.88 17.04 9.50
C GLY B 370 4.70 16.84 10.99
N PHE B 371 3.83 15.92 11.37
CA PHE B 371 3.58 15.61 12.77
C PHE B 371 4.64 14.68 13.32
N ALA B 372 5.31 13.96 12.42
CA ALA B 372 6.31 12.97 12.80
C ALA B 372 7.48 13.49 13.65
N PRO B 373 8.10 14.62 13.26
CA PRO B 373 9.21 15.12 14.09
C PRO B 373 8.76 15.51 15.50
N GLU B 374 7.51 15.93 15.64
CA GLU B 374 6.97 16.34 16.93
C GLU B 374 6.61 15.13 17.79
N LEU B 375 6.06 14.10 17.16
CA LEU B 375 5.79 12.84 17.86
C LEU B 375 7.09 12.20 18.30
N GLU B 376 8.15 12.46 17.54
CA GLU B 376 9.47 11.91 17.84
C GLU B 376 10.03 12.50 19.14
N ALA B 377 9.68 13.76 19.42
CA ALA B 377 10.11 14.42 20.64
C ALA B 377 9.45 13.78 21.86
N LEU B 378 8.26 13.23 21.66
CA LEU B 378 7.52 12.60 22.76
C LEU B 378 8.00 11.18 23.03
N GLY B 379 8.79 10.63 22.12
CA GLY B 379 9.34 9.30 22.28
C GLY B 379 8.90 8.31 21.23
N ILE B 380 8.00 8.74 20.36
CA ILE B 380 7.51 7.89 19.28
C ILE B 380 8.55 7.80 18.16
N ARG B 381 8.89 6.58 17.77
CA ARG B 381 9.95 6.36 16.79
C ARG B 381 9.40 6.18 15.38
N THR B 382 9.76 7.09 14.49
CA THR B 382 9.27 7.06 13.12
C THR B 382 10.39 7.22 12.10
N ALA B 383 10.13 6.73 10.89
CA ALA B 383 11.06 6.91 9.78
C ALA B 383 10.29 7.39 8.56
N VAL B 384 10.80 8.44 7.91
CA VAL B 384 10.12 9.02 6.75
C VAL B 384 11.01 9.03 5.51
N ASP B 385 10.51 8.41 4.45
CA ASP B 385 11.17 8.46 3.15
C ASP B 385 10.15 8.78 2.07
N ASP B 386 10.18 10.02 1.59
CA ASP B 386 9.27 10.50 0.54
C ASP B 386 7.80 10.38 0.95
N THR B 387 7.11 9.38 0.39
CA THR B 387 5.67 9.23 0.61
C THR B 387 5.37 8.16 1.65
N VAL B 388 6.41 7.58 2.24
CA VAL B 388 6.25 6.47 3.16
C VAL B 388 6.65 6.83 4.59
N LEU B 389 5.74 6.56 5.53
CA LEU B 389 6.02 6.72 6.96
C LEU B 389 5.99 5.35 7.63
N ARG B 390 6.99 5.08 8.46
CA ARG B 390 7.03 3.84 9.21
C ARG B 390 7.09 4.11 10.70
N VAL B 391 6.23 3.43 11.46
CA VAL B 391 6.23 3.55 12.92
C VAL B 391 6.75 2.28 13.55
N ASP B 392 7.82 2.39 14.33
CA ASP B 392 8.42 1.23 14.98
C ASP B 392 7.81 0.97 16.34
N GLY B 393 6.68 0.27 16.36
CA GLY B 393 6.01 -0.06 17.59
C GLY B 393 6.63 -1.27 18.27
N PRO B 394 6.48 -1.37 19.60
CA PRO B 394 5.78 -0.36 20.41
C PRO B 394 6.69 0.80 20.81
N CYS B 395 6.16 2.01 20.72
CA CYS B 395 6.89 3.20 21.13
C CYS B 395 5.92 4.31 21.56
N PRO B 396 5.18 4.07 22.65
CA PRO B 396 4.19 5.06 23.08
C PRO B 396 4.87 6.33 23.59
N PRO B 397 4.21 7.49 23.42
CA PRO B 397 4.77 8.76 23.89
C PRO B 397 4.91 8.76 25.41
N HIS B 398 6.05 9.21 25.91
CA HIS B 398 6.32 9.14 27.34
C HIS B 398 7.21 10.28 27.82
N ARG B 399 7.92 10.93 26.90
CA ARG B 399 8.82 12.01 27.27
C ARG B 399 8.08 13.30 27.60
N PRO B 400 8.24 13.77 28.84
CA PRO B 400 7.62 15.03 29.29
C PRO B 400 8.56 16.22 29.15
N GLY B 401 8.02 17.42 29.31
CA GLY B 401 8.83 18.63 29.29
C GLY B 401 9.23 19.08 27.90
N THR B 402 8.50 18.64 26.89
CA THR B 402 8.81 19.00 25.51
C THR B 402 7.98 20.18 25.04
N ASP B 403 8.40 20.76 23.92
CA ASP B 403 7.71 21.92 23.35
C ASP B 403 7.38 21.64 21.89
N LEU B 404 6.11 21.39 21.60
CA LEU B 404 5.69 20.95 20.27
C LEU B 404 5.08 22.06 19.43
N ARG B 405 5.33 22.01 18.12
CA ARG B 405 4.77 22.96 17.15
C ARG B 405 3.91 22.23 16.14
N ALA B 406 2.62 22.57 16.09
CA ALA B 406 1.72 21.98 15.10
C ALA B 406 2.01 22.55 13.71
N THR B 407 1.94 21.71 12.69
CA THR B 407 2.18 22.13 11.32
C THR B 407 0.88 22.29 10.54
N ASP B 408 -0.16 21.60 10.99
CA ASP B 408 -1.45 21.65 10.32
C ASP B 408 -2.59 21.25 11.26
N LEU B 409 -3.78 21.07 10.69
CA LEU B 409 -4.97 20.75 11.47
C LEU B 409 -4.88 19.39 12.18
N ARG B 410 -4.73 18.32 11.40
CA ARG B 410 -4.72 16.98 11.97
C ARG B 410 -3.47 16.73 12.81
N ALA B 411 -2.40 17.47 12.51
CA ALA B 411 -1.17 17.39 13.28
C ALA B 411 -1.41 17.88 14.70
N ALA B 412 -2.08 19.03 14.83
CA ALA B 412 -2.39 19.59 16.13
C ALA B 412 -3.24 18.65 16.96
N ALA B 413 -4.19 17.99 16.31
CA ALA B 413 -5.08 17.05 16.99
C ALA B 413 -4.34 15.83 17.51
N VAL B 414 -3.50 15.24 16.67
CA VAL B 414 -2.79 14.01 17.03
C VAL B 414 -1.69 14.28 18.08
N LEU B 415 -1.08 15.45 18.00
CA LEU B 415 -0.06 15.83 18.97
C LEU B 415 -0.70 16.04 20.34
N LEU B 416 -1.88 16.64 20.35
CA LEU B 416 -2.60 16.90 21.58
C LEU B 416 -2.99 15.61 22.29
N LEU B 417 -3.46 14.63 21.52
CA LEU B 417 -3.83 13.34 22.07
C LEU B 417 -2.63 12.61 22.63
N ALA B 418 -1.51 12.68 21.90
CA ALA B 418 -0.27 12.02 22.31
C ALA B 418 0.28 12.64 23.58
N ALA B 419 0.18 13.96 23.69
CA ALA B 419 0.66 14.68 24.87
C ALA B 419 -0.14 14.32 26.11
N LEU B 420 -1.42 14.02 25.91
CA LEU B 420 -2.31 13.66 27.01
C LEU B 420 -1.96 12.29 27.61
N ALA B 421 -1.23 11.48 26.84
CA ALA B 421 -0.82 10.15 27.30
C ALA B 421 0.45 10.23 28.13
N VAL B 422 1.16 11.35 28.02
CA VAL B 422 2.42 11.54 28.73
C VAL B 422 2.22 12.09 30.13
N PRO B 423 2.57 11.29 31.15
CA PRO B 423 2.45 11.73 32.54
C PRO B 423 3.43 12.87 32.87
N GLY B 424 3.10 14.08 32.41
CA GLY B 424 3.96 15.23 32.61
C GLY B 424 3.46 16.44 31.85
N ARG B 425 4.29 17.47 31.78
CA ARG B 425 3.90 18.72 31.13
C ARG B 425 4.42 18.82 29.71
N THR B 426 3.54 19.20 28.79
CA THR B 426 3.90 19.41 27.39
C THR B 426 3.27 20.68 26.87
N THR B 427 4.05 21.50 26.18
CA THR B 427 3.53 22.72 25.57
C THR B 427 3.34 22.56 24.07
N LEU B 428 2.16 22.93 23.58
CA LEU B 428 1.85 22.82 22.16
C LEU B 428 1.43 24.18 21.60
N ARG B 429 2.06 24.57 20.49
CA ARG B 429 1.72 25.83 19.83
C ARG B 429 1.16 25.58 18.44
N ASN B 430 0.75 26.67 17.78
CA ASN B 430 0.08 26.60 16.48
C ASN B 430 -1.18 25.73 16.54
N HIS B 431 -1.88 25.79 17.66
CA HIS B 431 -3.09 25.00 17.84
C HIS B 431 -4.30 25.72 17.26
N HIS B 432 -4.05 26.86 16.61
CA HIS B 432 -5.11 27.63 15.99
C HIS B 432 -5.72 26.88 14.80
N HIS B 433 -4.98 25.90 14.30
CA HIS B 433 -5.45 25.07 13.20
C HIS B 433 -6.67 24.25 13.59
N LEU B 434 -6.77 23.91 14.87
CA LEU B 434 -7.84 23.06 15.39
C LEU B 434 -9.24 23.63 15.15
N ALA B 435 -9.34 24.96 15.13
CA ALA B 435 -10.63 25.62 14.96
C ALA B 435 -11.23 25.39 13.58
N ARG B 436 -10.39 25.00 12.62
CA ARG B 436 -10.85 24.75 11.27
C ARG B 436 -11.29 23.30 11.05
N GLY B 437 -11.23 22.49 12.11
CA GLY B 437 -11.61 21.09 12.01
C GLY B 437 -12.52 20.64 13.14
N TYR B 438 -12.42 21.31 14.28
CA TYR B 438 -13.23 20.97 15.44
C TYR B 438 -13.86 22.22 16.03
N ARG B 439 -14.99 22.06 16.72
N ARG B 439 -14.99 22.05 16.70
CA ARG B 439 -15.64 23.18 17.36
CA ARG B 439 -15.66 23.16 17.38
C ARG B 439 -14.75 23.75 18.45
C ARG B 439 -14.76 23.74 18.44
N ASP B 440 -14.36 22.89 19.39
CA ASP B 440 -13.46 23.26 20.46
C ASP B 440 -12.91 21.97 21.05
N LEU B 441 -11.96 21.37 20.35
CA LEU B 441 -11.40 20.08 20.76
C LEU B 441 -10.80 20.12 22.16
N VAL B 442 -10.17 21.24 22.49
CA VAL B 442 -9.59 21.43 23.82
C VAL B 442 -10.68 21.35 24.89
N GLU B 443 -11.76 22.09 24.68
CA GLU B 443 -12.87 22.12 25.63
C GLU B 443 -13.55 20.77 25.79
N ASP B 444 -13.71 20.06 24.67
CA ASP B 444 -14.36 18.75 24.69
C ASP B 444 -13.52 17.72 25.45
N LEU B 445 -12.21 17.80 25.29
CA LEU B 445 -11.30 16.90 26.00
C LEU B 445 -11.29 17.21 27.49
N VAL B 446 -11.32 18.50 27.83
CA VAL B 446 -11.36 18.94 29.22
C VAL B 446 -12.59 18.40 29.94
N LYS B 447 -13.72 18.35 29.23
CA LYS B 447 -14.95 17.80 29.79
C LYS B 447 -14.80 16.34 30.15
N LEU B 448 -13.88 15.65 29.47
CA LEU B 448 -13.64 14.24 29.74
C LEU B 448 -12.63 14.04 30.87
N GLY B 449 -12.02 15.14 31.31
CA GLY B 449 -11.09 15.10 32.43
C GLY B 449 -9.68 15.50 32.06
N ALA B 450 -9.48 15.88 30.80
CA ALA B 450 -8.15 16.29 30.34
C ALA B 450 -7.72 17.59 30.99
N ASP B 451 -6.44 17.69 31.32
CA ASP B 451 -5.90 18.89 31.96
C ASP B 451 -5.17 19.75 30.94
N ILE B 452 -5.92 20.55 30.20
CA ILE B 452 -5.35 21.43 29.18
C ILE B 452 -5.63 22.89 29.53
N ARG B 453 -4.58 23.71 29.54
CA ARG B 453 -4.71 25.10 29.93
C ARG B 453 -4.20 26.05 28.84
N HIS B 454 -4.89 27.18 28.68
CA HIS B 454 -4.50 28.18 27.70
C HIS B 454 -3.53 29.18 28.31
N THR B 455 -2.34 29.29 27.74
CA THR B 455 -1.32 30.19 28.25
C THR B 455 -0.66 31.02 27.16
N THR B 456 0.44 31.67 27.51
CA THR B 456 1.19 32.49 26.57
C THR B 456 2.67 32.12 26.65
N ALA B 457 3.41 32.31 25.56
CA ALA B 457 4.80 31.89 25.49
C ALA B 457 5.74 32.50 26.54
N PRO B 458 5.76 33.84 26.69
CA PRO B 458 6.61 34.38 27.74
C PRO B 458 5.82 34.67 29.02
S SO4 C . 17.44 -12.00 -5.46
O1 SO4 C . 18.28 -11.98 -4.27
O2 SO4 C . 17.80 -13.16 -6.29
O3 SO4 C . 16.04 -12.11 -5.07
O4 SO4 C . 17.64 -10.77 -6.23
S SO4 D . 11.33 -14.17 -13.51
O1 SO4 D . 10.51 -13.91 -12.33
O2 SO4 D . 12.41 -15.08 -13.16
O3 SO4 D . 10.50 -14.78 -14.55
O4 SO4 D . 11.89 -12.91 -14.01
S SO4 E . -10.94 18.99 -1.13
O1 SO4 E . -10.99 18.56 0.28
O2 SO4 E . -11.94 18.26 -1.90
O3 SO4 E . -11.23 20.43 -1.20
O4 SO4 E . -9.62 18.73 -1.68
#